data_9H64
#
_entry.id   9H64
#
_cell.length_a   68.972
_cell.length_b   103.690
_cell.length_c   120.690
_cell.angle_alpha   90.00
_cell.angle_beta   90.00
_cell.angle_gamma   90.00
#
_symmetry.space_group_name_H-M   'P 21 21 21'
#
loop_
_entity.id
_entity.type
_entity.pdbx_description
1 polymer 'Monoamine oxidase'
2 non-polymer 'FLAVIN-ADENINE DINUCLEOTIDE'
3 non-polymer 'MAGNESIUM ION'
4 non-polymer n-heptylamine
5 water water
#
_entity_poly.entity_id   1
_entity_poly.type   'polypeptide(L)'
_entity_poly.pdbx_seq_one_letter_code
;MGSSHHHHHHGSGLVPRGSAGMPSEQVDVVVVGAGFAGLTAARAVHEAGRSVLVLEARDRVGGRTCTEEHHGTWIDLGGQ
WIGPGQDRVAALAAELGVETYPQPTEGDDVVLFGDGEPQRAPDVALAFSDEELTAYLELAGALEAIAEKVPLDAPWLAPE
AAAWDATTLREWVAGTGVPDRVAGLFEVAVQAVFAATSAQLSLLHAAHYVHSAGGWSKLTDTEGGAQQDRLVGGVQPLAE
RLAARLPDGALRLSTPVRGLAQDGDGVTVRTAGGEVRARRAIVAVPPTLAGRIDHDPPLPPQRDQLLQHMPQGSVVKFHV
IYDEPWWRAEGLSGTVLCPDEPIGVTFDGTPPAGTPGIVTGFFEGPAAVAAGARTREERRDVVVDVLARTLGERARDVRD
YIDRDWSAEPWTRGCYGAHLPPGAWTVYGPALRVPVGRVHWAGTETAERWTGYIDGAIESGQRAAAEVLAALGS
;
_entity_poly.pdbx_strand_id   A,B
#
loop_
_chem_comp.id
_chem_comp.type
_chem_comp.name
_chem_comp.formula
A1ISO non-polymer n-heptylamine 'C7 H17 N'
FAD non-polymer 'FLAVIN-ADENINE DINUCLEOTIDE' 'C27 H33 N9 O15 P2'
MG non-polymer 'MAGNESIUM ION' 'Mg 2'
#
# COMPACT_ATOMS: atom_id res chain seq x y z
N GLN A 26 -4.22 -31.78 -16.61
CA GLN A 26 -5.05 -30.86 -15.76
C GLN A 26 -5.29 -31.48 -14.37
N VAL A 27 -4.75 -30.84 -13.34
CA VAL A 27 -4.91 -31.33 -11.94
C VAL A 27 -6.16 -30.63 -11.42
N ASP A 28 -6.76 -31.15 -10.35
CA ASP A 28 -7.96 -30.48 -9.78
C ASP A 28 -7.60 -29.08 -9.27
N VAL A 29 -6.52 -29.00 -8.48
CA VAL A 29 -6.18 -27.75 -7.75
C VAL A 29 -4.69 -27.48 -7.91
N VAL A 30 -4.38 -26.23 -8.23
CA VAL A 30 -2.99 -25.74 -8.15
C VAL A 30 -2.93 -24.79 -6.96
N VAL A 31 -1.93 -25.00 -6.11
CA VAL A 31 -1.68 -24.12 -4.94
C VAL A 31 -0.43 -23.30 -5.23
N VAL A 32 -0.52 -21.99 -5.09
CA VAL A 32 0.64 -21.07 -5.23
C VAL A 32 1.17 -20.74 -3.83
N GLY A 33 2.37 -21.25 -3.53
CA GLY A 33 3.02 -21.04 -2.24
C GLY A 33 3.00 -22.27 -1.34
N ALA A 34 4.17 -22.63 -0.81
CA ALA A 34 4.34 -23.74 0.14
C ALA A 34 4.77 -23.21 1.51
N GLY A 35 4.13 -22.13 1.95
CA GLY A 35 4.02 -21.75 3.36
C GLY A 35 3.11 -22.72 4.10
N PHE A 36 2.94 -22.54 5.39
CA PHE A 36 1.94 -23.34 6.12
C PHE A 36 0.56 -23.25 5.45
N ALA A 37 0.17 -22.11 4.91
CA ALA A 37 -1.20 -21.98 4.34
C ALA A 37 -1.34 -22.86 3.10
N GLY A 38 -0.38 -22.75 2.17
CA GLY A 38 -0.43 -23.49 0.91
C GLY A 38 -0.34 -24.98 1.18
N LEU A 39 0.56 -25.35 2.07
CA LEU A 39 0.79 -26.79 2.35
C LEU A 39 -0.43 -27.39 3.04
N THR A 40 -1.06 -26.64 3.94
CA THR A 40 -2.25 -27.11 4.64
C THR A 40 -3.36 -27.30 3.59
N ALA A 41 -3.59 -26.29 2.76
CA ALA A 41 -4.61 -26.38 1.69
C ALA A 41 -4.33 -27.61 0.81
N ALA A 42 -3.08 -27.82 0.39
CA ALA A 42 -2.74 -28.91 -0.54
C ALA A 42 -3.01 -30.26 0.11
N ARG A 43 -2.62 -30.41 1.36
CA ARG A 43 -2.80 -31.70 2.04
C ARG A 43 -4.30 -31.98 2.18
N ALA A 44 -5.13 -30.98 2.50
CA ALA A 44 -6.59 -31.17 2.69
C ALA A 44 -7.23 -31.57 1.35
N VAL A 45 -6.78 -30.99 0.24
CA VAL A 45 -7.36 -31.29 -1.11
C VAL A 45 -7.00 -32.74 -1.41
N HIS A 46 -5.71 -33.08 -1.19
CA HIS A 46 -5.18 -34.44 -1.47
C HIS A 46 -5.92 -35.49 -0.64
N GLU A 47 -6.17 -35.20 0.63
CA GLU A 47 -6.76 -36.20 1.56
C GLU A 47 -8.23 -36.42 1.24
N ALA A 48 -8.89 -35.48 0.56
CA ALA A 48 -10.28 -35.61 0.09
C ALA A 48 -10.32 -36.43 -1.21
N GLY A 49 -9.15 -36.73 -1.77
CA GLY A 49 -9.00 -37.60 -2.94
C GLY A 49 -8.92 -36.81 -4.24
N ARG A 50 -8.64 -35.50 -4.19
CA ARG A 50 -8.47 -34.67 -5.43
C ARG A 50 -6.97 -34.50 -5.74
N SER A 51 -6.62 -34.32 -7.01
CA SER A 51 -5.22 -34.13 -7.45
C SER A 51 -4.80 -32.67 -7.18
N VAL A 52 -3.53 -32.50 -6.77
CA VAL A 52 -3.03 -31.17 -6.35
C VAL A 52 -1.58 -30.99 -6.80
N LEU A 53 -1.24 -29.78 -7.24
CA LEU A 53 0.17 -29.37 -7.49
C LEU A 53 0.43 -28.12 -6.64
N VAL A 54 1.56 -28.07 -5.97
CA VAL A 54 1.97 -26.89 -5.17
C VAL A 54 3.16 -26.28 -5.91
N LEU A 55 3.04 -25.04 -6.34
CA LEU A 55 4.16 -24.31 -6.99
C LEU A 55 4.74 -23.31 -5.99
N GLU A 56 6.00 -23.49 -5.63
CA GLU A 56 6.71 -22.66 -4.64
C GLU A 56 7.89 -21.99 -5.31
N ALA A 57 8.04 -20.68 -5.12
CA ALA A 57 9.10 -19.86 -5.74
C ALA A 57 10.49 -20.27 -5.21
N ARG A 58 10.63 -20.50 -3.91
CA ARG A 58 11.93 -20.76 -3.25
C ARG A 58 12.35 -22.21 -3.50
N ASP A 59 13.60 -22.48 -3.14
CA ASP A 59 14.22 -23.82 -3.18
C ASP A 59 13.83 -24.61 -1.94
N ARG A 60 12.84 -24.17 -1.16
CA ARG A 60 12.48 -24.78 0.13
C ARG A 60 11.00 -24.48 0.39
N VAL A 61 10.38 -25.21 1.31
CA VAL A 61 9.04 -24.87 1.83
C VAL A 61 9.24 -24.08 3.13
N GLY A 62 8.14 -23.53 3.66
CA GLY A 62 8.09 -22.90 4.98
C GLY A 62 7.82 -21.40 4.90
N GLY A 63 8.24 -20.74 3.83
CA GLY A 63 7.92 -19.32 3.58
C GLY A 63 8.47 -18.38 4.65
N ARG A 64 7.59 -17.75 5.42
CA ARG A 64 7.97 -16.84 6.53
C ARG A 64 8.46 -17.63 7.76
N THR A 65 8.51 -18.96 7.67
CA THR A 65 9.27 -19.80 8.62
C THR A 65 10.47 -20.36 7.85
N CYS A 66 11.65 -20.32 8.49
CA CYS A 66 12.93 -20.64 7.84
C CYS A 66 13.90 -21.02 8.93
N THR A 67 14.47 -22.21 8.82
CA THR A 67 15.38 -22.74 9.86
C THR A 67 16.69 -23.08 9.19
N GLU A 68 17.81 -22.66 9.79
CA GLU A 68 19.16 -23.05 9.36
C GLU A 68 19.89 -23.65 10.55
N GLU A 69 20.75 -24.62 10.29
CA GLU A 69 21.66 -25.22 11.29
C GLU A 69 22.94 -24.37 11.42
N HIS A 70 23.25 -23.89 12.62
CA HIS A 70 24.51 -23.16 12.93
C HIS A 70 24.88 -23.51 14.36
N HIS A 71 26.17 -23.65 14.65
CA HIS A 71 26.70 -23.90 16.01
C HIS A 71 26.05 -25.14 16.65
N GLY A 72 25.72 -26.17 15.87
CA GLY A 72 25.11 -27.42 16.37
C GLY A 72 23.68 -27.25 16.85
N THR A 73 22.99 -26.20 16.45
CA THR A 73 21.57 -26.01 16.83
C THR A 73 20.79 -25.39 15.66
N TRP A 74 19.49 -25.31 15.85
CA TRP A 74 18.57 -24.74 14.84
C TRP A 74 18.45 -23.24 15.09
N ILE A 75 18.53 -22.48 14.02
CA ILE A 75 18.30 -21.02 14.07
C ILE A 75 17.02 -20.77 13.26
N ASP A 76 15.96 -20.34 13.95
CA ASP A 76 14.68 -19.94 13.32
C ASP A 76 14.83 -18.48 12.86
N LEU A 77 15.06 -18.27 11.58
CA LEU A 77 15.21 -16.90 11.04
C LEU A 77 13.83 -16.25 10.89
N GLY A 78 12.77 -17.06 10.75
CA GLY A 78 11.39 -16.58 10.68
C GLY A 78 10.57 -16.97 11.89
N GLY A 79 9.30 -17.29 11.66
CA GLY A 79 8.43 -17.63 12.79
C GLY A 79 8.96 -18.77 13.60
N GLN A 80 8.79 -18.67 14.91
CA GLN A 80 9.42 -19.64 15.86
C GLN A 80 8.50 -20.01 17.02
N TRP A 81 7.62 -19.11 17.45
CA TRP A 81 6.85 -19.37 18.69
C TRP A 81 5.44 -19.87 18.39
N ILE A 82 4.94 -20.73 19.28
CA ILE A 82 3.50 -21.08 19.37
C ILE A 82 3.06 -20.92 20.82
N GLY A 83 1.80 -20.64 21.03
CA GLY A 83 1.32 -20.42 22.39
C GLY A 83 -0.10 -20.94 22.59
N PRO A 84 -0.57 -20.84 23.82
CA PRO A 84 -1.92 -21.31 24.14
C PRO A 84 -2.94 -20.62 23.25
N GLY A 85 -3.93 -21.38 22.81
CA GLY A 85 -5.05 -20.88 22.00
C GLY A 85 -4.70 -20.97 20.53
N GLN A 86 -3.46 -21.31 20.17
CA GLN A 86 -3.07 -21.63 18.79
C GLN A 86 -3.24 -23.13 18.57
N ASP A 87 -4.50 -23.54 18.44
CA ASP A 87 -4.91 -24.97 18.50
C ASP A 87 -4.50 -25.67 17.22
N ARG A 88 -4.51 -25.00 16.07
CA ARG A 88 -4.23 -25.65 14.79
C ARG A 88 -2.74 -26.00 14.69
N VAL A 89 -1.84 -25.06 15.06
CA VAL A 89 -0.39 -25.36 14.97
C VAL A 89 -0.04 -26.39 16.07
N ALA A 90 -0.65 -26.33 17.25
CA ALA A 90 -0.34 -27.30 18.33
C ALA A 90 -0.74 -28.71 17.88
N ALA A 91 -1.89 -28.84 17.23
CA ALA A 91 -2.38 -30.15 16.72
C ALA A 91 -1.47 -30.64 15.60
N LEU A 92 -1.04 -29.75 14.71
CA LEU A 92 -0.15 -30.15 13.60
C LEU A 92 1.18 -30.63 14.16
N ALA A 93 1.78 -29.91 15.11
CA ALA A 93 3.04 -30.32 15.76
C ALA A 93 2.90 -31.74 16.33
N ALA A 94 1.86 -31.97 17.10
CA ALA A 94 1.52 -33.26 17.74
C ALA A 94 1.42 -34.34 16.66
N GLU A 95 0.60 -34.07 15.65
CA GLU A 95 0.35 -35.04 14.59
C GLU A 95 1.67 -35.47 13.95
N LEU A 96 2.53 -34.53 13.62
CA LEU A 96 3.73 -34.81 12.79
C LEU A 96 4.94 -35.12 13.66
N GLY A 97 4.80 -35.20 14.98
CA GLY A 97 5.87 -35.74 15.86
C GLY A 97 6.92 -34.70 16.22
N VAL A 98 6.55 -33.41 16.21
CA VAL A 98 7.48 -32.32 16.63
C VAL A 98 7.14 -31.93 18.08
N GLU A 99 8.12 -32.05 18.98
CA GLU A 99 7.95 -31.72 20.40
C GLU A 99 8.19 -30.21 20.56
N THR A 100 7.54 -29.62 21.55
CA THR A 100 7.77 -28.23 21.97
C THR A 100 8.83 -28.18 23.08
N TYR A 101 9.47 -27.02 23.25
CA TYR A 101 10.25 -26.66 24.47
C TYR A 101 9.84 -25.25 24.87
N PRO A 102 9.81 -24.97 26.19
CA PRO A 102 9.35 -23.69 26.67
C PRO A 102 10.37 -22.57 26.43
N GLN A 103 9.84 -21.41 26.10
CA GLN A 103 10.60 -20.13 26.11
C GLN A 103 11.03 -19.91 27.55
N PRO A 104 12.36 -19.79 27.83
CA PRO A 104 12.85 -19.48 29.18
C PRO A 104 12.09 -18.29 29.79
N THR A 105 11.66 -18.39 31.06
CA THR A 105 10.86 -17.38 31.78
C THR A 105 11.59 -16.80 32.97
N GLU A 106 12.65 -17.44 33.46
CA GLU A 106 13.31 -17.06 34.75
C GLU A 106 14.33 -15.95 34.56
N GLY A 107 14.63 -15.24 35.65
CA GLY A 107 15.67 -14.20 35.67
C GLY A 107 15.07 -12.81 35.54
N ASP A 108 15.84 -11.79 35.89
CA ASP A 108 15.39 -10.38 35.82
C ASP A 108 15.39 -9.88 34.38
N ASP A 109 14.35 -9.15 34.01
CA ASP A 109 14.31 -8.39 32.75
C ASP A 109 15.03 -7.06 33.02
N VAL A 110 15.59 -6.44 31.98
CA VAL A 110 16.25 -5.11 32.12
C VAL A 110 15.45 -4.11 31.27
N VAL A 111 15.07 -2.99 31.87
CA VAL A 111 14.37 -1.85 31.19
C VAL A 111 15.31 -0.64 31.24
N LEU A 112 15.44 0.05 30.10
CA LEU A 112 16.32 1.25 29.94
C LEU A 112 15.53 2.34 29.23
N PHE A 113 15.44 3.53 29.83
CA PHE A 113 14.79 4.73 29.24
C PHE A 113 15.86 5.78 28.93
N GLY A 114 15.91 6.25 27.68
CA GLY A 114 16.83 7.31 27.23
C GLY A 114 18.23 7.08 27.76
N ASP A 115 18.80 8.04 28.47
CA ASP A 115 20.22 8.01 28.92
C ASP A 115 20.25 7.73 30.43
N GLY A 116 19.24 7.00 30.93
CA GLY A 116 19.13 6.61 32.35
C GLY A 116 19.92 5.37 32.64
N GLU A 117 19.86 4.88 33.87
CA GLU A 117 20.45 3.58 34.27
C GLU A 117 19.52 2.44 33.88
N PRO A 118 20.07 1.30 33.41
CA PRO A 118 19.27 0.08 33.25
C PRO A 118 18.70 -0.37 34.61
N GLN A 119 17.41 -0.69 34.63
CA GLN A 119 16.66 -1.21 35.82
C GLN A 119 16.48 -2.71 35.67
N ARG A 120 17.01 -3.51 36.60
CA ARG A 120 16.71 -4.96 36.75
C ARG A 120 15.37 -5.09 37.48
N ALA A 121 14.52 -6.04 37.09
CA ALA A 121 13.25 -6.33 37.78
C ALA A 121 12.81 -7.74 37.41
N PRO A 122 12.13 -8.45 38.33
CA PRO A 122 11.72 -9.83 38.06
C PRO A 122 10.84 -9.89 36.80
N ASP A 123 10.09 -8.82 36.53
CA ASP A 123 9.20 -8.67 35.35
C ASP A 123 9.27 -7.22 34.84
N VAL A 124 9.10 -7.02 33.53
CA VAL A 124 9.04 -5.67 32.90
C VAL A 124 8.03 -4.76 33.65
N ALA A 125 6.91 -5.34 34.08
CA ALA A 125 5.83 -4.64 34.84
C ALA A 125 6.43 -3.85 36.00
N LEU A 126 7.37 -4.44 36.73
CA LEU A 126 7.84 -3.92 38.06
C LEU A 126 8.98 -2.90 37.88
N ALA A 127 9.22 -2.41 36.64
CA ALA A 127 10.13 -1.27 36.35
C ALA A 127 9.30 0.02 36.25
N PHE A 128 7.99 -0.07 36.48
CA PHE A 128 7.05 1.06 36.35
C PHE A 128 6.35 1.29 37.68
N SER A 129 5.85 2.51 37.92
CA SER A 129 5.00 2.87 39.08
C SER A 129 3.69 2.08 39.00
N ASP A 130 2.89 2.07 40.06
CA ASP A 130 1.62 1.33 40.10
C ASP A 130 0.57 2.13 39.31
N GLU A 131 0.67 3.46 39.30
CA GLU A 131 -0.18 4.35 38.47
C GLU A 131 0.06 4.05 36.99
N GLU A 132 1.34 3.94 36.59
CA GLU A 132 1.74 3.59 35.21
C GLU A 132 1.16 2.23 34.83
N LEU A 133 1.33 1.21 35.69
CA LEU A 133 0.89 -0.16 35.39
C LEU A 133 -0.62 -0.16 35.25
N THR A 134 -1.31 0.55 36.14
CA THR A 134 -2.79 0.70 36.13
C THR A 134 -3.21 1.28 34.78
N ALA A 135 -2.57 2.39 34.38
CA ALA A 135 -2.89 3.11 33.13
C ALA A 135 -2.65 2.18 31.94
N TYR A 136 -1.54 1.44 31.95
CA TYR A 136 -1.20 0.51 30.86
C TYR A 136 -2.29 -0.55 30.75
N LEU A 137 -2.70 -1.12 31.88
CA LEU A 137 -3.69 -2.24 31.87
C LEU A 137 -5.06 -1.69 31.47
N GLU A 138 -5.39 -0.45 31.86
CA GLU A 138 -6.67 0.19 31.42
C GLU A 138 -6.66 0.38 29.89
N LEU A 139 -5.53 0.84 29.37
CA LEU A 139 -5.32 1.07 27.91
C LEU A 139 -5.50 -0.25 27.17
N ALA A 140 -4.84 -1.30 27.63
CA ALA A 140 -4.91 -2.64 27.01
C ALA A 140 -6.37 -3.13 27.08
N GLY A 141 -7.01 -3.00 28.24
CA GLY A 141 -8.43 -3.37 28.45
C GLY A 141 -9.37 -2.62 27.50
N ALA A 142 -9.14 -1.33 27.28
CA ALA A 142 -10.03 -0.49 26.43
C ALA A 142 -9.87 -0.93 24.98
N LEU A 143 -8.66 -1.26 24.55
CA LEU A 143 -8.47 -1.75 23.17
C LEU A 143 -9.14 -3.13 23.02
N GLU A 144 -9.12 -3.96 24.05
CA GLU A 144 -9.74 -5.30 23.99
C GLU A 144 -11.25 -5.18 23.91
N ALA A 145 -11.83 -4.19 24.60
CA ALA A 145 -13.27 -3.92 24.51
C ALA A 145 -13.65 -3.59 23.06
N ILE A 146 -12.87 -2.74 22.39
CA ILE A 146 -13.13 -2.35 20.97
C ILE A 146 -12.95 -3.60 20.13
N ALA A 147 -11.84 -4.33 20.36
CA ALA A 147 -11.56 -5.56 19.63
C ALA A 147 -12.75 -6.51 19.61
N GLU A 148 -13.38 -6.76 20.78
CA GLU A 148 -14.47 -7.77 20.88
C GLU A 148 -15.67 -7.38 20.04
N LYS A 149 -15.83 -6.12 19.68
CA LYS A 149 -16.91 -5.64 18.79
C LYS A 149 -16.58 -5.84 17.31
N VAL A 150 -15.35 -6.25 16.97
CA VAL A 150 -14.90 -6.37 15.55
C VAL A 150 -15.07 -7.81 15.08
N PRO A 151 -16.05 -8.10 14.20
CA PRO A 151 -16.23 -9.44 13.67
C PRO A 151 -14.96 -9.96 12.99
N LEU A 152 -14.52 -11.16 13.37
CA LEU A 152 -13.25 -11.73 12.86
C LEU A 152 -13.33 -11.98 11.34
N ASP A 153 -14.52 -12.28 10.81
CA ASP A 153 -14.73 -12.61 9.38
C ASP A 153 -15.06 -11.35 8.56
N ALA A 154 -15.35 -10.21 9.20
CA ALA A 154 -15.86 -9.01 8.51
C ALA A 154 -15.62 -7.82 9.41
N PRO A 155 -14.36 -7.39 9.60
CA PRO A 155 -14.11 -6.27 10.48
C PRO A 155 -14.90 -5.02 10.05
N TRP A 156 -15.12 -4.88 8.76
CA TRP A 156 -15.88 -3.75 8.18
C TRP A 156 -17.34 -3.70 8.63
N LEU A 157 -17.87 -4.77 9.22
CA LEU A 157 -19.26 -4.83 9.74
C LEU A 157 -19.30 -4.53 11.24
N ALA A 158 -18.18 -4.16 11.88
CA ALA A 158 -18.22 -3.64 13.27
C ALA A 158 -19.18 -2.46 13.29
N PRO A 159 -20.10 -2.36 14.29
CA PRO A 159 -21.07 -1.26 14.29
C PRO A 159 -20.49 0.15 14.16
N GLU A 160 -19.31 0.39 14.70
CA GLU A 160 -18.56 1.67 14.63
C GLU A 160 -17.40 1.55 13.61
N ALA A 161 -17.49 0.65 12.63
CA ALA A 161 -16.40 0.41 11.65
C ALA A 161 -15.97 1.75 11.02
N ALA A 162 -16.91 2.62 10.66
CA ALA A 162 -16.61 3.86 9.90
C ALA A 162 -15.69 4.75 10.74
N ALA A 163 -16.03 4.95 12.02
CA ALA A 163 -15.20 5.80 12.91
C ALA A 163 -13.86 5.10 13.20
N TRP A 164 -13.87 3.81 13.46
CA TRP A 164 -12.64 3.08 13.89
C TRP A 164 -11.65 2.97 12.72
N ASP A 165 -12.18 2.87 11.53
CA ASP A 165 -11.32 2.81 10.33
C ASP A 165 -10.86 4.22 9.91
N ALA A 166 -11.39 5.29 10.48
CA ALA A 166 -11.02 6.67 10.08
C ALA A 166 -9.95 7.24 11.02
N THR A 167 -9.53 6.45 12.01
CA THR A 167 -8.61 6.83 13.10
C THR A 167 -7.40 5.92 13.03
N THR A 168 -6.20 6.44 13.26
CA THR A 168 -5.02 5.59 13.55
C THR A 168 -5.09 5.04 14.98
N LEU A 169 -4.33 3.98 15.22
CA LEU A 169 -4.22 3.47 16.59
C LEU A 169 -3.58 4.56 17.44
N ARG A 170 -2.64 5.31 16.87
CA ARG A 170 -1.91 6.34 17.63
C ARG A 170 -2.89 7.41 18.10
N GLU A 171 -3.82 7.83 17.25
CA GLU A 171 -4.75 8.91 17.63
C GLU A 171 -5.63 8.37 18.77
N TRP A 172 -6.08 7.13 18.66
CA TRP A 172 -6.90 6.46 19.69
C TRP A 172 -6.11 6.44 21.02
N VAL A 173 -4.83 6.09 21.02
CA VAL A 173 -4.00 6.02 22.27
C VAL A 173 -3.99 7.41 22.91
N ALA A 174 -3.82 8.46 22.09
CA ALA A 174 -3.75 9.83 22.62
C ALA A 174 -5.09 10.21 23.27
N GLY A 175 -6.21 9.73 22.71
CA GLY A 175 -7.56 10.11 23.12
C GLY A 175 -7.90 9.51 24.47
N THR A 176 -7.21 8.43 24.87
CA THR A 176 -7.43 7.79 26.18
C THR A 176 -6.92 8.74 27.28
N GLY A 177 -5.98 9.62 26.97
CA GLY A 177 -5.36 10.54 27.95
C GLY A 177 -4.39 9.82 28.86
N VAL A 178 -3.99 8.59 28.53
CA VAL A 178 -2.92 7.85 29.26
C VAL A 178 -1.66 8.71 29.24
N PRO A 179 -0.77 8.60 30.26
CA PRO A 179 0.46 9.39 30.29
C PRO A 179 1.44 9.00 29.18
N ASP A 180 2.39 9.89 28.87
CA ASP A 180 3.28 9.77 27.70
C ASP A 180 4.18 8.55 27.84
N ARG A 181 4.79 8.34 29.00
CA ARG A 181 5.71 7.18 29.24
C ARG A 181 4.90 5.87 29.14
N VAL A 182 3.61 5.90 29.42
CA VAL A 182 2.74 4.69 29.27
C VAL A 182 2.48 4.47 27.78
N ALA A 183 2.11 5.50 27.03
CA ALA A 183 1.95 5.45 25.55
C ALA A 183 3.26 4.97 24.91
N GLY A 184 4.41 5.36 25.44
CA GLY A 184 5.74 4.97 24.95
C GLY A 184 5.99 3.48 25.14
N LEU A 185 5.65 2.94 26.31
CA LEU A 185 5.79 1.49 26.60
C LEU A 185 4.82 0.73 25.68
N PHE A 186 3.58 1.23 25.54
CA PHE A 186 2.54 0.63 24.67
C PHE A 186 3.06 0.62 23.24
N GLU A 187 3.75 1.69 22.82
CA GLU A 187 4.29 1.80 21.44
C GLU A 187 5.32 0.70 21.19
N VAL A 188 6.22 0.42 22.14
CA VAL A 188 7.21 -0.70 22.03
C VAL A 188 6.42 -1.99 21.77
N ALA A 189 5.36 -2.24 22.53
CA ALA A 189 4.53 -3.48 22.38
C ALA A 189 3.87 -3.48 20.99
N VAL A 190 3.36 -2.33 20.55
CA VAL A 190 2.68 -2.24 19.22
C VAL A 190 3.70 -2.58 18.14
N GLN A 191 4.88 -1.96 18.20
CA GLN A 191 5.92 -2.23 17.17
C GLN A 191 6.39 -3.69 17.26
N ALA A 192 6.47 -4.29 18.45
CA ALA A 192 6.91 -5.69 18.58
C ALA A 192 5.87 -6.64 17.98
N VAL A 193 4.58 -6.30 18.09
CA VAL A 193 3.49 -7.18 17.62
C VAL A 193 3.25 -6.98 16.12
N PHE A 194 3.23 -5.72 15.66
CA PHE A 194 2.74 -5.38 14.29
C PHE A 194 3.89 -5.11 13.33
N ALA A 195 5.12 -4.95 13.81
CA ALA A 195 6.29 -4.63 12.96
C ALA A 195 5.94 -3.33 12.18
N ALA A 196 5.29 -2.41 12.88
CA ALA A 196 4.80 -1.14 12.30
C ALA A 196 4.46 -0.22 13.45
N THR A 197 4.42 1.08 13.21
CA THR A 197 4.08 2.05 14.28
C THR A 197 2.58 2.20 14.43
N SER A 198 2.16 2.73 15.59
CA SER A 198 0.73 2.95 15.86
C SER A 198 0.17 3.98 14.88
N ALA A 199 0.99 4.82 14.27
CA ALA A 199 0.52 5.81 13.27
C ALA A 199 0.21 5.14 11.92
N GLN A 200 0.80 3.96 11.64
CA GLN A 200 0.58 3.26 10.35
C GLN A 200 -0.71 2.47 10.34
N LEU A 201 -1.20 2.07 11.52
CA LEU A 201 -2.29 1.08 11.69
C LEU A 201 -3.61 1.84 11.82
N SER A 202 -4.68 1.46 11.13
CA SER A 202 -6.03 1.88 11.54
C SER A 202 -6.33 1.26 12.91
N LEU A 203 -7.08 1.99 13.75
CA LEU A 203 -7.61 1.41 14.98
C LEU A 203 -8.35 0.11 14.63
N LEU A 204 -9.18 0.14 13.56
CA LEU A 204 -9.99 -1.04 13.19
C LEU A 204 -9.08 -2.25 12.91
N HIS A 205 -7.96 -2.03 12.22
CA HIS A 205 -6.99 -3.10 11.95
C HIS A 205 -6.46 -3.67 13.28
N ALA A 206 -5.97 -2.79 14.15
CA ALA A 206 -5.31 -3.19 15.42
C ALA A 206 -6.33 -3.92 16.28
N ALA A 207 -7.57 -3.40 16.32
CA ALA A 207 -8.66 -4.01 17.12
C ALA A 207 -8.94 -5.42 16.56
N HIS A 208 -9.09 -5.56 15.24
CA HIS A 208 -9.35 -6.86 14.62
C HIS A 208 -8.24 -7.82 15.02
N TYR A 209 -7.00 -7.37 14.92
CA TYR A 209 -5.82 -8.25 15.16
C TYR A 209 -5.87 -8.76 16.61
N VAL A 210 -6.18 -7.88 17.56
CA VAL A 210 -6.26 -8.20 19.01
C VAL A 210 -7.40 -9.19 19.22
N HIS A 211 -8.54 -9.00 18.57
CA HIS A 211 -9.67 -9.94 18.69
C HIS A 211 -9.27 -11.31 18.14
N SER A 212 -8.56 -11.30 17.01
CA SER A 212 -8.13 -12.53 16.32
C SER A 212 -7.24 -13.37 17.25
N ALA A 213 -6.43 -12.72 18.08
CA ALA A 213 -5.45 -13.37 18.98
C ALA A 213 -6.11 -13.76 20.30
N GLY A 214 -7.23 -13.13 20.62
CA GLY A 214 -7.98 -13.32 21.86
C GLY A 214 -7.48 -12.41 22.96
N GLY A 215 -6.82 -11.30 22.66
CA GLY A 215 -6.52 -10.28 23.67
C GLY A 215 -5.08 -9.81 23.60
N TRP A 216 -4.80 -8.70 24.29
CA TRP A 216 -3.48 -8.04 24.30
C TRP A 216 -2.43 -8.94 24.95
N SER A 217 -2.75 -9.51 26.12
CA SER A 217 -1.89 -10.45 26.88
C SER A 217 -1.49 -11.63 26.00
N LYS A 218 -2.44 -12.16 25.22
CA LYS A 218 -2.16 -13.27 24.30
C LYS A 218 -1.09 -12.86 23.30
N LEU A 219 -1.09 -11.61 22.85
CA LEU A 219 -0.11 -11.13 21.85
C LEU A 219 1.25 -10.87 22.51
N THR A 220 1.25 -10.35 23.73
CA THR A 220 2.49 -9.78 24.34
C THR A 220 3.16 -10.73 25.34
N ASP A 221 2.44 -11.70 25.91
CA ASP A 221 3.00 -12.49 27.03
C ASP A 221 3.79 -13.68 26.51
N THR A 222 4.74 -14.12 27.33
CA THR A 222 5.45 -15.39 27.13
C THR A 222 4.60 -16.50 27.74
N GLU A 223 4.68 -16.72 29.04
CA GLU A 223 3.80 -17.73 29.69
C GLU A 223 2.34 -17.25 29.49
N GLY A 224 1.45 -18.10 28.93
CA GLY A 224 0.03 -17.74 28.74
C GLY A 224 -0.23 -17.03 27.42
N GLY A 225 0.81 -16.78 26.62
CA GLY A 225 0.70 -16.01 25.38
C GLY A 225 1.51 -16.58 24.22
N ALA A 226 1.54 -15.81 23.14
CA ALA A 226 2.02 -16.25 21.82
C ALA A 226 3.50 -16.67 21.87
N GLN A 227 4.30 -16.13 22.80
CA GLN A 227 5.74 -16.48 22.87
C GLN A 227 5.99 -17.64 23.85
N GLN A 228 4.99 -18.43 24.22
CA GLN A 228 5.18 -19.39 25.33
C GLN A 228 6.13 -20.52 24.94
N ASP A 229 6.03 -21.06 23.72
CA ASP A 229 6.72 -22.32 23.34
C ASP A 229 7.45 -22.20 22.00
N ARG A 230 8.49 -23.00 21.84
CA ARG A 230 9.30 -23.20 20.61
C ARG A 230 9.17 -24.66 20.18
N LEU A 231 9.60 -24.95 18.95
CA LEU A 231 9.60 -26.33 18.41
C LEU A 231 11.02 -26.88 18.45
N VAL A 232 11.18 -28.08 19.00
CA VAL A 232 12.53 -28.74 18.97
C VAL A 232 12.91 -28.95 17.52
N GLY A 233 14.08 -28.47 17.10
CA GLY A 233 14.56 -28.60 15.71
C GLY A 233 14.12 -27.44 14.83
N GLY A 234 13.28 -26.53 15.35
CA GLY A 234 12.88 -25.33 14.58
C GLY A 234 11.62 -25.57 13.79
N VAL A 235 11.17 -24.55 13.08
CA VAL A 235 9.81 -24.58 12.48
C VAL A 235 9.87 -25.09 11.05
N GLN A 236 10.91 -24.77 10.26
CA GLN A 236 10.94 -25.22 8.86
C GLN A 236 10.80 -26.74 8.79
N PRO A 237 11.45 -27.53 9.69
CA PRO A 237 11.26 -28.99 9.64
C PRO A 237 9.80 -29.43 9.82
N LEU A 238 8.98 -28.67 10.56
CA LEU A 238 7.55 -29.01 10.69
C LEU A 238 6.86 -28.79 9.34
N ALA A 239 7.17 -27.71 8.62
CA ALA A 239 6.64 -27.50 7.24
C ALA A 239 7.13 -28.63 6.34
N GLU A 240 8.38 -29.08 6.48
CA GLU A 240 8.90 -30.18 5.63
C GLU A 240 8.14 -31.47 5.91
N ARG A 241 7.84 -31.76 7.18
CA ARG A 241 7.02 -32.95 7.53
C ARG A 241 5.62 -32.84 6.92
N LEU A 242 5.03 -31.63 6.94
CA LEU A 242 3.68 -31.42 6.37
C LEU A 242 3.76 -31.65 4.87
N ALA A 243 4.78 -31.10 4.20
CA ALA A 243 4.94 -31.27 2.75
C ALA A 243 5.11 -32.77 2.38
N ALA A 244 5.76 -33.53 3.25
CA ALA A 244 6.01 -35.00 3.06
C ALA A 244 4.70 -35.78 3.10
N ARG A 245 3.57 -35.20 3.51
CA ARG A 245 2.25 -35.89 3.46
C ARG A 245 1.60 -35.75 2.09
N LEU A 246 2.22 -35.02 1.18
CA LEU A 246 1.78 -34.92 -0.22
C LEU A 246 2.37 -36.06 -1.02
N PRO A 247 1.69 -36.51 -2.09
CA PRO A 247 2.27 -37.51 -2.98
C PRO A 247 3.53 -36.99 -3.68
N ASP A 248 4.49 -37.87 -3.95
CA ASP A 248 5.72 -37.51 -4.72
C ASP A 248 5.26 -36.82 -6.00
N GLY A 249 5.90 -35.70 -6.34
CA GLY A 249 5.63 -35.00 -7.60
C GLY A 249 4.65 -33.85 -7.40
N ALA A 250 3.93 -33.76 -6.27
CA ALA A 250 2.90 -32.72 -6.11
C ALA A 250 3.58 -31.37 -5.86
N LEU A 251 4.71 -31.35 -5.15
CA LEU A 251 5.41 -30.10 -4.78
C LEU A 251 6.45 -29.80 -5.84
N ARG A 252 6.43 -28.61 -6.41
CA ARG A 252 7.52 -28.14 -7.28
C ARG A 252 8.16 -26.90 -6.66
N LEU A 253 9.42 -27.04 -6.28
CA LEU A 253 10.25 -25.97 -5.69
C LEU A 253 10.90 -25.17 -6.80
N SER A 254 11.37 -23.97 -6.48
CA SER A 254 12.12 -23.11 -7.42
C SER A 254 11.24 -22.88 -8.67
N THR A 255 9.92 -22.74 -8.48
CA THR A 255 8.96 -22.54 -9.60
C THR A 255 8.09 -21.35 -9.26
N PRO A 256 8.60 -20.11 -9.39
CA PRO A 256 7.80 -18.91 -9.19
C PRO A 256 6.60 -18.90 -10.15
N VAL A 257 5.43 -18.54 -9.64
CA VAL A 257 4.22 -18.33 -10.48
C VAL A 257 4.26 -16.88 -10.97
N ARG A 258 4.33 -16.70 -12.30
CA ARG A 258 4.39 -15.37 -12.93
C ARG A 258 2.99 -14.94 -13.41
N GLY A 259 2.17 -15.88 -13.86
CA GLY A 259 0.82 -15.57 -14.37
C GLY A 259 -0.21 -16.57 -13.91
N LEU A 260 -1.46 -16.13 -13.83
CA LEU A 260 -2.62 -16.99 -13.45
C LEU A 260 -3.80 -16.58 -14.33
N ALA A 261 -4.11 -17.35 -15.37
CA ALA A 261 -5.24 -17.08 -16.29
C ALA A 261 -6.38 -18.01 -15.91
N GLN A 262 -7.61 -17.57 -16.17
CA GLN A 262 -8.76 -18.47 -15.98
C GLN A 262 -9.79 -18.22 -17.09
N ASP A 263 -10.61 -19.22 -17.35
CA ASP A 263 -11.82 -19.07 -18.19
C ASP A 263 -12.91 -19.93 -17.56
N GLY A 264 -13.92 -20.30 -18.34
CA GLY A 264 -15.09 -21.04 -17.86
C GLY A 264 -14.73 -22.49 -17.55
N ASP A 265 -13.58 -22.98 -18.01
CA ASP A 265 -13.18 -24.40 -18.02
C ASP A 265 -12.06 -24.68 -17.00
N GLY A 266 -11.38 -23.67 -16.45
CA GLY A 266 -10.21 -23.94 -15.60
C GLY A 266 -9.28 -22.75 -15.48
N VAL A 267 -8.10 -23.01 -14.94
CA VAL A 267 -7.05 -21.98 -14.72
C VAL A 267 -5.77 -22.45 -15.37
N THR A 268 -4.97 -21.52 -15.84
CA THR A 268 -3.66 -21.80 -16.45
C THR A 268 -2.62 -21.00 -15.67
N VAL A 269 -1.67 -21.69 -15.06
CA VAL A 269 -0.53 -21.04 -14.36
C VAL A 269 0.64 -20.91 -15.32
N ARG A 270 1.23 -19.73 -15.42
CA ARG A 270 2.43 -19.48 -16.25
C ARG A 270 3.62 -19.38 -15.29
N THR A 271 4.64 -20.20 -15.54
CA THR A 271 5.96 -20.18 -14.88
C THR A 271 7.00 -19.83 -15.96
N ALA A 272 8.25 -19.66 -15.58
CA ALA A 272 9.36 -19.50 -16.55
C ALA A 272 9.36 -20.70 -17.51
N GLY A 273 9.10 -21.89 -16.97
CA GLY A 273 9.28 -23.19 -17.63
C GLY A 273 8.13 -23.58 -18.55
N GLY A 274 6.95 -22.98 -18.36
CA GLY A 274 5.77 -23.24 -19.21
C GLY A 274 4.47 -23.05 -18.47
N GLU A 275 3.49 -23.95 -18.67
CA GLU A 275 2.09 -23.78 -18.20
C GLU A 275 1.66 -25.01 -17.40
N VAL A 276 0.86 -24.78 -16.36
CA VAL A 276 0.21 -25.83 -15.53
C VAL A 276 -1.29 -25.55 -15.60
N ARG A 277 -2.09 -26.55 -15.98
CA ARG A 277 -3.56 -26.37 -16.03
C ARG A 277 -4.18 -27.04 -14.80
N ALA A 278 -5.17 -26.39 -14.22
CA ALA A 278 -5.99 -26.94 -13.11
C ALA A 278 -7.42 -26.47 -13.29
N ARG A 279 -8.32 -27.07 -12.51
CA ARG A 279 -9.74 -26.69 -12.47
C ARG A 279 -9.85 -25.45 -11.58
N ARG A 280 -9.13 -25.39 -10.47
CA ARG A 280 -9.23 -24.27 -9.50
C ARG A 280 -7.83 -24.00 -8.94
N ALA A 281 -7.64 -22.78 -8.43
CA ALA A 281 -6.35 -22.35 -7.87
C ALA A 281 -6.58 -21.86 -6.44
N ILE A 282 -5.59 -22.09 -5.60
CA ILE A 282 -5.49 -21.42 -4.27
C ILE A 282 -4.20 -20.61 -4.29
N VAL A 283 -4.32 -19.29 -4.14
CA VAL A 283 -3.12 -18.40 -4.06
C VAL A 283 -2.87 -18.16 -2.59
N ALA A 284 -1.70 -18.54 -2.08
CA ALA A 284 -1.43 -18.57 -0.63
C ALA A 284 -0.14 -17.79 -0.35
N VAL A 285 -0.04 -16.60 -0.90
CA VAL A 285 1.19 -15.75 -0.77
C VAL A 285 0.80 -14.44 -0.09
N PRO A 286 1.78 -13.69 0.45
CA PRO A 286 1.54 -12.36 0.98
C PRO A 286 0.83 -11.46 -0.01
N PRO A 287 -0.07 -10.58 0.47
CA PRO A 287 -0.87 -9.72 -0.40
C PRO A 287 -0.07 -9.00 -1.46
N THR A 288 1.04 -8.36 -1.08
CA THR A 288 1.88 -7.60 -2.06
C THR A 288 2.29 -8.54 -3.22
N LEU A 289 2.65 -9.77 -2.90
CA LEU A 289 3.12 -10.73 -3.92
C LEU A 289 1.96 -11.27 -4.76
N ALA A 290 0.76 -11.44 -4.17
CA ALA A 290 -0.44 -11.87 -4.90
C ALA A 290 -0.77 -10.81 -5.98
N GLY A 291 -0.54 -9.53 -5.71
CA GLY A 291 -0.93 -8.47 -6.67
C GLY A 291 0.03 -8.40 -7.84
N ARG A 292 1.26 -8.94 -7.67
CA ARG A 292 2.33 -8.88 -8.69
C ARG A 292 2.17 -9.99 -9.71
N ILE A 293 1.40 -11.02 -9.40
CA ILE A 293 1.08 -12.06 -10.42
C ILE A 293 0.28 -11.40 -11.54
N ASP A 294 0.52 -11.81 -12.79
CA ASP A 294 -0.18 -11.38 -14.02
C ASP A 294 -1.50 -12.17 -14.07
N HIS A 295 -2.56 -11.58 -13.55
CA HIS A 295 -3.90 -12.20 -13.51
C HIS A 295 -4.61 -11.95 -14.83
N ASP A 296 -5.19 -12.99 -15.43
CA ASP A 296 -6.00 -12.82 -16.67
C ASP A 296 -7.32 -13.56 -16.44
N PRO A 297 -8.49 -12.91 -16.46
CA PRO A 297 -8.62 -11.45 -16.52
C PRO A 297 -7.93 -10.77 -15.33
N PRO A 298 -7.68 -9.44 -15.43
CA PRO A 298 -7.21 -8.66 -14.29
C PRO A 298 -8.08 -8.86 -13.06
N LEU A 299 -7.49 -8.78 -11.86
CA LEU A 299 -8.28 -8.83 -10.62
C LEU A 299 -9.30 -7.72 -10.66
N PRO A 300 -10.47 -7.92 -10.07
CA PRO A 300 -11.37 -6.82 -9.86
C PRO A 300 -10.74 -5.66 -9.11
N PRO A 301 -11.15 -4.41 -9.42
CA PRO A 301 -10.50 -3.23 -8.88
C PRO A 301 -10.50 -3.15 -7.36
N GLN A 302 -11.58 -3.54 -6.70
CA GLN A 302 -11.55 -3.56 -5.21
C GLN A 302 -10.43 -4.46 -4.68
N ARG A 303 -10.20 -5.65 -5.24
CA ARG A 303 -9.14 -6.56 -4.71
C ARG A 303 -7.79 -6.00 -5.10
N ASP A 304 -7.60 -5.50 -6.32
CA ASP A 304 -6.28 -4.94 -6.68
C ASP A 304 -5.93 -3.83 -5.71
N GLN A 305 -6.86 -2.94 -5.45
CA GLN A 305 -6.57 -1.79 -4.58
C GLN A 305 -6.52 -2.23 -3.11
N LEU A 306 -7.24 -3.27 -2.70
CA LEU A 306 -6.99 -3.82 -1.34
C LEU A 306 -5.51 -4.24 -1.19
N LEU A 307 -4.93 -4.93 -2.16
CA LEU A 307 -3.53 -5.40 -2.01
C LEU A 307 -2.59 -4.19 -1.93
N GLN A 308 -2.91 -3.13 -2.67
CA GLN A 308 -2.16 -1.85 -2.61
C GLN A 308 -2.24 -1.26 -1.20
N HIS A 309 -3.31 -1.56 -0.47
CA HIS A 309 -3.56 -1.07 0.92
C HIS A 309 -3.21 -2.12 1.98
N MET A 310 -2.50 -3.19 1.65
CA MET A 310 -2.08 -4.20 2.63
C MET A 310 -0.54 -4.34 2.61
N PRO A 311 0.20 -3.27 2.92
CA PRO A 311 1.67 -3.37 3.01
C PRO A 311 2.17 -4.30 4.13
N GLN A 312 3.24 -5.03 3.83
CA GLN A 312 3.93 -5.86 4.82
C GLN A 312 4.60 -4.94 5.85
N GLY A 313 4.77 -5.50 7.05
CA GLY A 313 5.58 -4.87 8.11
C GLY A 313 7.06 -4.90 7.76
N SER A 314 7.85 -4.37 8.68
CA SER A 314 9.31 -4.21 8.55
C SER A 314 9.95 -4.81 9.80
N VAL A 315 10.61 -5.94 9.65
CA VAL A 315 11.38 -6.53 10.77
C VAL A 315 12.70 -7.11 10.25
N VAL A 316 13.74 -6.89 11.03
CA VAL A 316 15.01 -7.61 10.91
C VAL A 316 15.15 -8.45 12.18
N LYS A 317 15.17 -9.77 12.03
CA LYS A 317 15.25 -10.65 13.22
C LYS A 317 16.69 -11.12 13.36
N PHE A 318 17.22 -11.09 14.57
CA PHE A 318 18.62 -11.47 14.82
C PHE A 318 18.72 -12.49 15.95
N HIS A 319 19.84 -13.19 15.91
CA HIS A 319 20.29 -14.09 16.99
C HIS A 319 21.77 -13.79 17.26
N VAL A 320 22.06 -13.29 18.46
CA VAL A 320 23.45 -13.08 18.93
C VAL A 320 23.88 -14.38 19.60
N ILE A 321 25.01 -14.97 19.18
CA ILE A 321 25.45 -16.31 19.64
C ILE A 321 26.63 -16.11 20.59
N TYR A 322 26.54 -16.69 21.78
CA TYR A 322 27.60 -16.74 22.81
C TYR A 322 27.97 -18.20 23.08
N ASP A 323 29.20 -18.43 23.50
CA ASP A 323 29.62 -19.79 23.93
C ASP A 323 28.63 -20.34 24.97
N GLU A 324 28.15 -19.51 25.89
CA GLU A 324 27.20 -19.95 26.95
C GLU A 324 26.22 -18.83 27.21
N PRO A 325 25.04 -19.15 27.79
CA PRO A 325 24.08 -18.15 28.24
C PRO A 325 24.54 -17.59 29.59
N TRP A 326 25.64 -16.83 29.53
CA TRP A 326 26.35 -16.23 30.70
C TRP A 326 25.40 -15.39 31.56
N TRP A 327 24.36 -14.76 30.97
CA TRP A 327 23.43 -13.87 31.70
C TRP A 327 22.66 -14.65 32.75
N ARG A 328 22.45 -15.96 32.58
CA ARG A 328 21.62 -16.78 33.53
C ARG A 328 22.29 -16.80 34.91
N ALA A 329 23.62 -16.93 34.94
CA ALA A 329 24.44 -17.04 36.18
C ALA A 329 24.43 -15.70 36.94
N GLU A 330 24.09 -14.59 36.28
CA GLU A 330 23.97 -13.23 36.89
C GLU A 330 22.53 -12.93 37.30
N GLY A 331 21.62 -13.90 37.15
CA GLY A 331 20.19 -13.75 37.49
C GLY A 331 19.42 -12.94 36.46
N LEU A 332 19.94 -12.77 35.24
CA LEU A 332 19.26 -12.06 34.13
C LEU A 332 18.54 -13.06 33.24
N SER A 333 17.39 -12.65 32.74
CA SER A 333 16.55 -13.46 31.81
C SER A 333 17.13 -13.38 30.40
N GLY A 334 17.88 -12.32 30.08
CA GLY A 334 18.31 -12.06 28.70
C GLY A 334 17.31 -11.23 27.92
N THR A 335 16.23 -10.83 28.58
CA THR A 335 15.24 -9.89 28.00
C THR A 335 15.64 -8.47 28.37
N VAL A 336 15.83 -7.60 27.39
CA VAL A 336 15.95 -6.13 27.64
C VAL A 336 14.79 -5.44 26.94
N LEU A 337 14.34 -4.31 27.48
CA LEU A 337 13.26 -3.49 26.89
C LEU A 337 13.75 -2.04 26.90
N CYS A 338 13.98 -1.47 25.72
CA CYS A 338 14.69 -0.18 25.51
C CYS A 338 13.89 0.62 24.52
N PRO A 339 12.85 1.33 24.99
CA PRO A 339 11.98 2.07 24.08
C PRO A 339 12.72 3.09 23.21
N ASP A 340 13.93 3.54 23.62
CA ASP A 340 14.67 4.65 22.95
C ASP A 340 15.84 4.11 22.12
N GLU A 341 15.94 2.81 21.92
CA GLU A 341 17.02 2.17 21.14
C GLU A 341 16.41 1.59 19.87
N PRO A 342 17.22 1.30 18.85
CA PRO A 342 16.76 0.68 17.62
C PRO A 342 16.16 -0.71 17.76
N ILE A 343 16.50 -1.47 18.82
CA ILE A 343 15.99 -2.85 18.98
C ILE A 343 14.84 -2.89 19.98
N GLY A 344 13.87 -3.76 19.70
CA GLY A 344 12.72 -4.05 20.57
C GLY A 344 13.09 -5.03 21.66
N VAL A 345 12.14 -5.81 22.11
CA VAL A 345 12.33 -6.73 23.26
C VAL A 345 13.27 -7.82 22.77
N THR A 346 14.16 -8.27 23.64
CA THR A 346 15.01 -9.44 23.36
C THR A 346 14.53 -10.60 24.21
N PHE A 347 14.98 -11.79 23.82
CA PHE A 347 14.61 -13.08 24.45
C PHE A 347 15.85 -13.97 24.51
N ASP A 348 15.90 -14.74 25.59
CA ASP A 348 16.82 -15.89 25.72
C ASP A 348 16.42 -16.92 24.66
N GLY A 349 17.23 -17.08 23.61
CA GLY A 349 16.97 -18.00 22.47
C GLY A 349 17.80 -19.28 22.59
N THR A 350 18.43 -19.52 23.73
CA THR A 350 19.24 -20.73 24.01
C THR A 350 18.38 -21.99 23.86
N PRO A 351 18.87 -23.05 23.19
CA PRO A 351 18.13 -24.31 23.08
C PRO A 351 18.19 -25.13 24.37
N PRO A 352 17.35 -26.18 24.50
CA PRO A 352 17.30 -26.99 25.73
C PRO A 352 18.64 -27.57 26.21
N ALA A 353 19.55 -27.91 25.30
CA ALA A 353 20.92 -28.38 25.65
C ALA A 353 21.62 -27.34 26.55
N GLY A 354 21.26 -26.05 26.44
CA GLY A 354 21.82 -24.99 27.32
C GLY A 354 23.05 -24.31 26.75
N THR A 355 23.50 -24.73 25.56
CA THR A 355 24.57 -24.07 24.75
C THR A 355 24.21 -24.26 23.28
N PRO A 356 24.60 -23.35 22.35
CA PRO A 356 25.26 -22.09 22.70
C PRO A 356 24.26 -21.14 23.37
N GLY A 357 24.72 -20.10 24.05
CA GLY A 357 23.82 -19.03 24.51
C GLY A 357 23.35 -18.23 23.33
N ILE A 358 22.07 -17.86 23.29
CA ILE A 358 21.57 -17.02 22.17
C ILE A 358 20.73 -15.89 22.77
N VAL A 359 20.96 -14.67 22.30
CA VAL A 359 19.99 -13.58 22.53
C VAL A 359 19.29 -13.32 21.21
N THR A 360 17.97 -13.46 21.22
CA THR A 360 17.14 -13.26 20.01
C THR A 360 16.47 -11.89 20.14
N GLY A 361 16.39 -11.15 19.05
CA GLY A 361 15.66 -9.87 19.08
C GLY A 361 15.33 -9.38 17.68
N PHE A 362 14.88 -8.16 17.62
CA PHE A 362 14.28 -7.61 16.39
C PHE A 362 14.56 -6.12 16.30
N PHE A 363 14.83 -5.68 15.09
CA PHE A 363 14.54 -4.30 14.66
C PHE A 363 13.12 -4.29 14.06
N GLU A 364 12.32 -3.32 14.44
CA GLU A 364 10.89 -3.26 14.06
C GLU A 364 10.59 -1.90 13.42
N GLY A 365 9.70 -1.91 12.43
CA GLY A 365 9.13 -0.69 11.86
C GLY A 365 10.24 0.21 11.33
N PRO A 366 10.24 1.52 11.66
CA PRO A 366 11.24 2.45 11.13
C PRO A 366 12.68 2.00 11.40
N ALA A 367 12.90 1.40 12.57
CA ALA A 367 14.25 0.94 12.92
C ALA A 367 14.68 -0.19 11.99
N ALA A 368 13.74 -1.06 11.59
CA ALA A 368 14.01 -2.16 10.64
C ALA A 368 14.36 -1.58 9.26
N VAL A 369 13.64 -0.55 8.81
CA VAL A 369 13.91 0.05 7.47
C VAL A 369 15.31 0.67 7.51
N ALA A 370 15.63 1.41 8.59
CA ALA A 370 16.97 2.06 8.71
C ALA A 370 18.04 0.96 8.75
N ALA A 371 17.80 -0.12 9.51
CA ALA A 371 18.80 -1.18 9.74
C ALA A 371 19.00 -1.99 8.47
N GLY A 372 17.95 -2.17 7.68
CA GLY A 372 18.00 -2.96 6.43
C GLY A 372 18.93 -2.34 5.41
N ALA A 373 19.15 -1.04 5.48
CA ALA A 373 19.99 -0.29 4.52
C ALA A 373 21.46 -0.36 4.96
N ARG A 374 21.77 -0.99 6.09
CA ARG A 374 23.16 -1.14 6.60
C ARG A 374 23.63 -2.57 6.37
N THR A 375 24.90 -2.85 6.66
CA THR A 375 25.44 -4.22 6.51
C THR A 375 25.09 -5.04 7.76
N ARG A 376 25.21 -6.36 7.66
CA ARG A 376 25.07 -7.31 8.80
C ARG A 376 26.00 -6.85 9.94
N GLU A 377 27.26 -6.54 9.64
CA GLU A 377 28.26 -6.17 10.67
C GLU A 377 27.84 -4.88 11.36
N GLU A 378 27.26 -3.95 10.62
CA GLU A 378 26.81 -2.66 11.22
C GLU A 378 25.61 -2.90 12.13
N ARG A 379 24.65 -3.72 11.70
CA ARG A 379 23.51 -4.15 12.56
C ARG A 379 24.07 -4.89 13.79
N ARG A 380 25.03 -5.81 13.64
CA ARG A 380 25.66 -6.52 14.77
C ARG A 380 26.17 -5.48 15.80
N ASP A 381 26.90 -4.49 15.33
CA ASP A 381 27.56 -3.54 16.24
C ASP A 381 26.51 -2.75 17.02
N VAL A 382 25.40 -2.36 16.37
CA VAL A 382 24.27 -1.64 17.04
C VAL A 382 23.69 -2.54 18.13
N VAL A 383 23.39 -3.80 17.81
CA VAL A 383 22.81 -4.76 18.78
C VAL A 383 23.73 -4.91 19.99
N VAL A 384 24.99 -5.21 19.73
CA VAL A 384 25.98 -5.53 20.78
C VAL A 384 26.14 -4.28 21.68
N ASP A 385 26.09 -3.07 21.13
CA ASP A 385 26.24 -1.85 21.97
C ASP A 385 25.01 -1.74 22.90
N VAL A 386 23.81 -2.07 22.44
CA VAL A 386 22.59 -2.02 23.28
C VAL A 386 22.68 -3.09 24.37
N LEU A 387 23.10 -4.31 24.01
CA LEU A 387 23.23 -5.42 24.99
C LEU A 387 24.32 -5.06 26.02
N ALA A 388 25.43 -4.46 25.58
CA ALA A 388 26.50 -4.10 26.54
C ALA A 388 25.98 -3.10 27.58
N ARG A 389 25.14 -2.15 27.15
CA ARG A 389 24.62 -1.08 28.02
C ARG A 389 23.65 -1.70 29.04
N THR A 390 22.91 -2.76 28.65
CA THR A 390 21.77 -3.29 29.45
C THR A 390 22.16 -4.58 30.17
N LEU A 391 22.69 -5.58 29.48
CA LEU A 391 23.11 -6.85 30.13
C LEU A 391 24.52 -6.74 30.73
N GLY A 392 25.34 -5.81 30.27
CA GLY A 392 26.70 -5.62 30.79
C GLY A 392 27.73 -5.90 29.72
N GLU A 393 28.99 -5.67 30.05
CA GLU A 393 30.14 -5.70 29.12
C GLU A 393 30.37 -7.12 28.60
N ARG A 394 29.91 -8.16 29.31
CA ARG A 394 30.14 -9.55 28.83
C ARG A 394 29.37 -9.75 27.51
N ALA A 395 28.38 -8.89 27.21
CA ALA A 395 27.60 -8.95 25.95
C ALA A 395 28.50 -8.64 24.77
N ARG A 396 29.71 -8.10 24.99
CA ARG A 396 30.65 -7.86 23.85
C ARG A 396 31.41 -9.14 23.49
N ASP A 397 31.33 -10.19 24.31
CA ASP A 397 32.10 -11.44 24.05
C ASP A 397 31.31 -12.36 23.09
N VAL A 398 31.12 -11.93 21.84
CA VAL A 398 30.16 -12.51 20.86
C VAL A 398 30.87 -13.63 20.08
N ARG A 399 30.22 -14.77 19.92
CA ARG A 399 30.73 -15.86 19.06
C ARG A 399 30.31 -15.61 17.61
N ASP A 400 29.09 -15.20 17.40
CA ASP A 400 28.57 -15.00 16.02
C ASP A 400 27.31 -14.15 16.10
N TYR A 401 26.82 -13.74 14.94
CA TYR A 401 25.66 -12.86 14.82
C TYR A 401 25.00 -13.24 13.50
N ILE A 402 23.76 -13.67 13.60
CA ILE A 402 22.98 -14.17 12.46
C ILE A 402 21.71 -13.36 12.40
N ASP A 403 21.39 -12.79 11.24
CA ASP A 403 20.12 -12.04 11.13
C ASP A 403 19.52 -12.19 9.73
N ARG A 404 18.29 -11.76 9.63
CA ARG A 404 17.56 -11.80 8.37
C ARG A 404 16.62 -10.60 8.29
N ASP A 405 16.77 -9.85 7.21
CA ASP A 405 15.87 -8.75 6.85
C ASP A 405 14.79 -9.36 5.97
N TRP A 406 13.58 -9.53 6.51
CA TRP A 406 12.48 -10.13 5.74
C TRP A 406 11.95 -9.18 4.68
N SER A 407 12.23 -7.88 4.78
CA SER A 407 11.84 -6.92 3.72
C SER A 407 12.67 -7.17 2.47
N ALA A 408 13.85 -7.74 2.61
CA ALA A 408 14.80 -7.92 1.49
C ALA A 408 14.54 -9.27 0.82
N GLU A 409 13.71 -10.11 1.44
CA GLU A 409 13.36 -11.43 0.89
C GLU A 409 12.38 -11.22 -0.27
N PRO A 410 12.74 -11.47 -1.55
CA PRO A 410 11.82 -11.13 -2.64
C PRO A 410 10.50 -11.92 -2.57
N TRP A 411 10.51 -13.09 -1.94
CA TRP A 411 9.29 -13.95 -1.87
C TRP A 411 8.52 -13.74 -0.55
N THR A 412 8.90 -12.72 0.24
CA THR A 412 8.07 -12.27 1.40
C THR A 412 7.81 -10.77 1.29
N ARG A 413 8.86 -9.97 1.26
CA ARG A 413 8.80 -8.50 1.16
C ARG A 413 8.21 -7.91 2.44
N GLY A 414 8.47 -8.57 3.58
CA GLY A 414 8.23 -8.00 4.92
C GLY A 414 7.57 -8.98 5.84
N CYS A 415 8.01 -8.99 7.07
CA CYS A 415 7.37 -9.73 8.17
C CYS A 415 6.86 -8.70 9.17
N TYR A 416 5.98 -9.14 10.09
CA TYR A 416 5.48 -10.49 10.13
C TYR A 416 4.44 -10.70 9.05
N GLY A 417 3.70 -9.65 8.76
CA GLY A 417 2.62 -9.75 7.79
C GLY A 417 2.11 -8.38 7.48
N ALA A 418 1.03 -8.32 6.71
CA ALA A 418 0.45 -7.06 6.27
C ALA A 418 -0.23 -6.36 7.44
N HIS A 419 -0.31 -5.05 7.32
CA HIS A 419 -1.20 -4.22 8.15
C HIS A 419 -2.01 -3.37 7.20
N LEU A 420 -3.04 -2.71 7.73
CA LEU A 420 -3.98 -1.89 6.94
C LEU A 420 -4.01 -0.50 7.54
N PRO A 421 -3.81 0.55 6.73
CA PRO A 421 -3.91 1.92 7.22
C PRO A 421 -5.36 2.38 7.30
N PRO A 422 -5.64 3.58 7.81
CA PRO A 422 -7.00 4.10 7.83
C PRO A 422 -7.64 4.06 6.43
N GLY A 423 -8.91 3.65 6.41
CA GLY A 423 -9.76 3.60 5.23
C GLY A 423 -9.71 2.26 4.52
N ALA A 424 -8.75 1.39 4.81
CA ALA A 424 -8.51 0.20 3.97
C ALA A 424 -9.53 -0.91 4.30
N TRP A 425 -9.71 -1.25 5.58
CA TRP A 425 -10.58 -2.37 5.96
C TRP A 425 -12.01 -2.16 5.47
N THR A 426 -12.55 -0.95 5.61
CA THR A 426 -13.98 -0.70 5.30
C THR A 426 -14.20 -0.61 3.79
N VAL A 427 -13.29 0.03 3.07
CA VAL A 427 -13.56 0.31 1.64
C VAL A 427 -13.11 -0.84 0.76
N TYR A 428 -11.92 -1.39 1.03
CA TYR A 428 -11.31 -2.42 0.17
C TYR A 428 -11.38 -3.80 0.82
N GLY A 429 -11.38 -3.85 2.15
CA GLY A 429 -11.35 -5.07 2.95
C GLY A 429 -12.33 -6.15 2.51
N PRO A 430 -13.58 -5.83 2.11
CA PRO A 430 -14.52 -6.89 1.76
C PRO A 430 -14.04 -7.83 0.67
N ALA A 431 -13.02 -7.46 -0.11
CA ALA A 431 -12.52 -8.30 -1.23
C ALA A 431 -11.49 -9.31 -0.72
N LEU A 432 -11.18 -9.29 0.59
CA LEU A 432 -10.06 -10.08 1.13
C LEU A 432 -10.14 -11.56 0.75
N ARG A 433 -11.29 -12.21 0.96
CA ARG A 433 -11.35 -13.69 0.97
C ARG A 433 -12.22 -14.14 -0.19
N VAL A 434 -12.96 -13.23 -0.83
CA VAL A 434 -13.98 -13.59 -1.85
C VAL A 434 -13.25 -14.24 -3.00
N PRO A 435 -13.61 -15.49 -3.43
CA PRO A 435 -12.96 -16.07 -4.59
C PRO A 435 -13.23 -15.22 -5.84
N VAL A 436 -12.29 -15.17 -6.75
CA VAL A 436 -12.45 -14.49 -8.07
C VAL A 436 -12.54 -15.62 -9.11
N GLY A 437 -13.77 -15.99 -9.46
CA GLY A 437 -14.03 -17.11 -10.37
C GLY A 437 -13.47 -18.40 -9.79
N ARG A 438 -12.44 -18.94 -10.43
CA ARG A 438 -11.82 -20.26 -10.04
C ARG A 438 -10.58 -20.04 -9.15
N VAL A 439 -10.29 -18.80 -8.77
CA VAL A 439 -9.12 -18.47 -7.91
C VAL A 439 -9.61 -18.14 -6.51
N HIS A 440 -9.12 -18.93 -5.56
CA HIS A 440 -9.38 -18.81 -4.12
C HIS A 440 -8.13 -18.27 -3.42
N TRP A 441 -8.32 -17.75 -2.23
CA TRP A 441 -7.28 -17.01 -1.50
C TRP A 441 -7.01 -17.66 -0.16
N ALA A 442 -5.74 -17.86 0.14
CA ALA A 442 -5.33 -18.27 1.49
C ALA A 442 -4.09 -17.44 1.89
N GLY A 443 -3.56 -17.75 3.05
CA GLY A 443 -2.49 -16.96 3.70
C GLY A 443 -2.96 -16.48 5.04
N THR A 444 -2.06 -16.34 6.00
CA THR A 444 -2.40 -15.89 7.36
C THR A 444 -3.22 -14.58 7.32
N GLU A 445 -2.98 -13.73 6.34
CA GLU A 445 -3.67 -12.41 6.27
C GLU A 445 -5.16 -12.64 6.04
N THR A 446 -5.58 -13.86 5.64
CA THR A 446 -7.02 -14.17 5.40
C THR A 446 -7.62 -14.92 6.58
N ALA A 447 -6.84 -15.23 7.61
CA ALA A 447 -7.34 -15.98 8.77
C ALA A 447 -8.30 -15.14 9.60
N GLU A 448 -9.26 -15.80 10.27
CA GLU A 448 -10.15 -15.15 11.28
C GLU A 448 -9.45 -15.18 12.64
N ARG A 449 -8.83 -16.32 12.96
CA ARG A 449 -8.17 -16.56 14.26
C ARG A 449 -6.64 -16.64 14.09
N TRP A 450 -5.93 -15.91 14.94
CA TRP A 450 -4.46 -15.79 14.93
C TRP A 450 -3.98 -15.33 13.56
N THR A 451 -4.69 -14.38 12.95
CA THR A 451 -4.19 -13.71 11.73
C THR A 451 -2.80 -13.17 12.06
N GLY A 452 -1.86 -13.35 11.15
CA GLY A 452 -0.47 -12.89 11.32
C GLY A 452 0.44 -13.97 11.91
N TYR A 453 -0.09 -15.13 12.27
CA TYR A 453 0.67 -16.21 12.93
C TYR A 453 0.63 -17.48 12.07
N ILE A 454 1.50 -18.41 12.40
CA ILE A 454 1.50 -19.75 11.77
C ILE A 454 0.10 -20.38 11.92
N ASP A 455 -0.52 -20.20 13.07
CA ASP A 455 -1.83 -20.83 13.36
C ASP A 455 -2.89 -20.30 12.39
N GLY A 456 -2.85 -19.00 12.07
CA GLY A 456 -3.80 -18.44 11.10
C GLY A 456 -3.51 -18.92 9.68
N ALA A 457 -2.24 -19.06 9.31
CA ALA A 457 -1.85 -19.62 8.02
C ALA A 457 -2.55 -20.98 7.86
N ILE A 458 -2.45 -21.83 8.87
CA ILE A 458 -3.11 -23.16 8.83
C ILE A 458 -4.63 -23.01 8.67
N GLU A 459 -5.27 -22.16 9.47
CA GLU A 459 -6.71 -21.92 9.34
C GLU A 459 -7.04 -21.58 7.88
N SER A 460 -6.31 -20.64 7.30
CA SER A 460 -6.65 -20.14 5.96
C SER A 460 -6.56 -21.30 4.95
N GLY A 461 -5.61 -22.21 5.11
CA GLY A 461 -5.41 -23.35 4.21
C GLY A 461 -6.57 -24.30 4.31
N GLN A 462 -7.03 -24.57 5.52
CA GLN A 462 -8.22 -25.44 5.76
C GLN A 462 -9.41 -24.80 5.05
N ARG A 463 -9.62 -23.51 5.26
CA ARG A 463 -10.80 -22.83 4.71
C ARG A 463 -10.74 -22.86 3.16
N ALA A 464 -9.63 -22.46 2.54
CA ALA A 464 -9.50 -22.43 1.07
C ALA A 464 -9.74 -23.84 0.49
N ALA A 465 -9.17 -24.86 1.14
CA ALA A 465 -9.36 -26.26 0.70
C ALA A 465 -10.86 -26.57 0.72
N ALA A 466 -11.55 -26.28 1.82
CA ALA A 466 -13.00 -26.55 1.92
C ALA A 466 -13.73 -25.85 0.76
N GLU A 467 -13.39 -24.60 0.45
CA GLU A 467 -14.11 -23.84 -0.64
C GLU A 467 -13.93 -24.52 -2.00
N VAL A 468 -12.69 -24.87 -2.33
CA VAL A 468 -12.29 -25.50 -3.60
C VAL A 468 -12.94 -26.88 -3.68
N LEU A 469 -12.95 -27.66 -2.60
CA LEU A 469 -13.58 -29.01 -2.64
C LEU A 469 -15.10 -28.84 -2.90
N ALA A 470 -15.76 -27.87 -2.27
CA ALA A 470 -17.21 -27.64 -2.50
C ALA A 470 -17.43 -27.30 -3.97
N ALA A 471 -16.54 -26.50 -4.57
CA ALA A 471 -16.69 -25.99 -5.95
C ALA A 471 -16.45 -27.11 -6.96
N LEU A 472 -15.53 -28.04 -6.68
CA LEU A 472 -15.24 -29.18 -7.59
C LEU A 472 -16.45 -30.14 -7.59
N GLY A 473 -17.23 -30.27 -6.50
CA GLY A 473 -18.18 -31.39 -6.30
C GLY A 473 -19.65 -30.97 -6.23
N GLN B 26 21.98 -3.29 -28.43
CA GLN B 26 21.92 -2.49 -27.17
C GLN B 26 21.63 -1.02 -27.48
N VAL B 27 20.53 -0.47 -26.97
CA VAL B 27 20.24 0.99 -27.04
C VAL B 27 20.81 1.65 -25.78
N ASP B 28 20.96 2.97 -25.79
CA ASP B 28 21.48 3.72 -24.63
C ASP B 28 20.43 3.66 -23.49
N VAL B 29 19.17 3.92 -23.83
CA VAL B 29 18.13 4.04 -22.77
C VAL B 29 16.89 3.26 -23.19
N VAL B 30 16.37 2.49 -22.24
CA VAL B 30 15.01 1.92 -22.41
C VAL B 30 14.10 2.64 -21.43
N VAL B 31 12.98 3.12 -21.93
CA VAL B 31 11.94 3.78 -21.13
C VAL B 31 10.76 2.83 -21.01
N VAL B 32 10.31 2.61 -19.78
CA VAL B 32 9.11 1.79 -19.50
C VAL B 32 7.93 2.72 -19.30
N GLY B 33 6.98 2.72 -20.24
CA GLY B 33 5.79 3.56 -20.17
C GLY B 33 5.83 4.76 -21.09
N ALA B 34 4.75 4.93 -21.85
CA ALA B 34 4.55 6.05 -22.81
C ALA B 34 3.40 6.96 -22.34
N GLY B 35 3.38 7.26 -21.04
CA GLY B 35 2.67 8.42 -20.49
C GLY B 35 3.45 9.69 -20.79
N PHE B 36 2.95 10.85 -20.35
CA PHE B 36 3.72 12.10 -20.55
C PHE B 36 5.11 11.98 -19.95
N ALA B 37 5.30 11.28 -18.84
CA ALA B 37 6.64 11.19 -18.20
C ALA B 37 7.59 10.40 -19.11
N GLY B 38 7.20 9.21 -19.54
CA GLY B 38 8.07 8.35 -20.35
C GLY B 38 8.34 8.98 -21.70
N LEU B 39 7.32 9.61 -22.31
CA LEU B 39 7.51 10.20 -23.66
C LEU B 39 8.40 11.43 -23.54
N THR B 40 8.23 12.22 -22.49
CA THR B 40 9.09 13.40 -22.28
C THR B 40 10.53 12.92 -22.10
N ALA B 41 10.76 11.94 -21.24
CA ALA B 41 12.12 11.40 -20.99
C ALA B 41 12.70 10.89 -22.33
N ALA B 42 11.93 10.12 -23.09
CA ALA B 42 12.43 9.51 -24.34
C ALA B 42 12.77 10.60 -25.37
N ARG B 43 11.91 11.61 -25.51
CA ARG B 43 12.19 12.68 -26.51
C ARG B 43 13.45 13.44 -26.09
N ALA B 44 13.65 13.72 -24.78
CA ALA B 44 14.87 14.43 -24.31
C ALA B 44 16.13 13.59 -24.62
N VAL B 45 16.09 12.29 -24.40
CA VAL B 45 17.25 11.40 -24.69
C VAL B 45 17.51 11.43 -26.21
N HIS B 46 16.45 11.29 -27.00
CA HIS B 46 16.54 11.30 -28.48
C HIS B 46 17.14 12.63 -28.99
N GLU B 47 16.69 13.76 -28.46
CA GLU B 47 17.14 15.08 -28.95
C GLU B 47 18.59 15.35 -28.50
N ALA B 48 19.03 14.71 -27.42
CA ALA B 48 20.44 14.80 -26.94
C ALA B 48 21.32 13.92 -27.82
N GLY B 49 20.73 13.16 -28.74
CA GLY B 49 21.43 12.34 -29.74
C GLY B 49 21.77 10.95 -29.26
N ARG B 50 21.09 10.43 -28.22
CA ARG B 50 21.28 9.03 -27.73
C ARG B 50 20.15 8.14 -28.27
N SER B 51 20.38 6.84 -28.34
CA SER B 51 19.35 5.86 -28.79
C SER B 51 18.41 5.53 -27.64
N VAL B 52 17.14 5.35 -27.97
CA VAL B 52 16.09 5.16 -26.93
C VAL B 52 15.02 4.24 -27.50
N LEU B 53 14.49 3.37 -26.64
CA LEU B 53 13.34 2.50 -26.95
C LEU B 53 12.32 2.76 -25.84
N VAL B 54 11.07 2.98 -26.21
CA VAL B 54 9.97 3.14 -25.24
C VAL B 54 9.12 1.89 -25.34
N LEU B 55 8.98 1.16 -24.25
CA LEU B 55 8.13 -0.05 -24.21
C LEU B 55 6.86 0.32 -23.43
N GLU B 56 5.72 0.23 -24.10
CA GLU B 56 4.42 0.61 -23.53
C GLU B 56 3.51 -0.60 -23.55
N ALA B 57 2.87 -0.89 -22.41
CA ALA B 57 1.96 -2.05 -22.25
C ALA B 57 0.69 -1.93 -23.11
N ARG B 58 0.09 -0.75 -23.21
CA ARG B 58 -1.18 -0.55 -23.94
C ARG B 58 -0.91 -0.44 -25.42
N ASP B 59 -1.98 -0.52 -26.19
CA ASP B 59 -1.93 -0.36 -27.66
C ASP B 59 -1.93 1.14 -28.04
N ARG B 60 -1.65 2.04 -27.09
CA ARG B 60 -1.77 3.50 -27.30
C ARG B 60 -0.82 4.20 -26.33
N VAL B 61 -0.51 5.44 -26.64
CA VAL B 61 0.27 6.33 -25.73
C VAL B 61 -0.73 7.15 -24.92
N GLY B 62 -0.22 7.78 -23.86
CA GLY B 62 -0.95 8.78 -23.07
C GLY B 62 -1.27 8.35 -21.67
N GLY B 63 -1.33 7.04 -21.40
CA GLY B 63 -1.42 6.48 -20.05
C GLY B 63 -2.67 6.96 -19.31
N ARG B 64 -2.49 7.74 -18.25
CA ARG B 64 -3.61 8.31 -17.46
C ARG B 64 -4.28 9.47 -18.20
N THR B 65 -3.89 9.76 -19.43
CA THR B 65 -4.68 10.60 -20.36
C THR B 65 -5.15 9.69 -21.47
N CYS B 66 -6.42 9.82 -21.86
CA CYS B 66 -7.08 8.90 -22.79
C CYS B 66 -8.25 9.63 -23.41
N THR B 67 -8.25 9.72 -24.72
CA THR B 67 -9.29 10.51 -25.41
C THR B 67 -9.97 9.60 -26.42
N GLU B 68 -11.31 9.60 -26.42
CA GLU B 68 -12.12 8.82 -27.37
C GLU B 68 -13.07 9.77 -28.08
N GLU B 69 -13.41 9.45 -29.31
CA GLU B 69 -14.37 10.25 -30.10
C GLU B 69 -15.77 9.65 -29.89
N HIS B 70 -16.73 10.44 -29.46
CA HIS B 70 -18.15 10.02 -29.26
C HIS B 70 -18.99 11.27 -29.50
N HIS B 71 -20.18 11.12 -30.10
CA HIS B 71 -21.15 12.23 -30.28
C HIS B 71 -20.53 13.41 -31.03
N GLY B 72 -19.62 13.16 -31.97
CA GLY B 72 -18.92 14.15 -32.80
C GLY B 72 -17.96 15.04 -32.02
N THR B 73 -17.50 14.61 -30.84
CA THR B 73 -16.54 15.43 -30.05
C THR B 73 -15.56 14.51 -29.34
N TRP B 74 -14.62 15.12 -28.65
CA TRP B 74 -13.59 14.38 -27.88
C TRP B 74 -14.10 14.15 -26.47
N ILE B 75 -13.92 12.92 -26.00
CA ILE B 75 -14.21 12.57 -24.59
C ILE B 75 -12.87 12.28 -23.91
N ASP B 76 -12.45 13.14 -22.99
CA ASP B 76 -11.22 12.93 -22.17
C ASP B 76 -11.62 12.03 -20.98
N LEU B 77 -11.30 10.74 -21.05
CA LEU B 77 -11.65 9.80 -19.97
C LEU B 77 -10.64 9.94 -18.83
N GLY B 78 -9.44 10.43 -19.12
CA GLY B 78 -8.40 10.68 -18.12
C GLY B 78 -8.13 12.17 -17.96
N GLY B 79 -6.89 12.53 -17.69
CA GLY B 79 -6.54 13.94 -17.43
C GLY B 79 -7.02 14.84 -18.56
N GLN B 80 -7.57 16.01 -18.26
CA GLN B 80 -8.13 16.90 -19.31
C GLN B 80 -7.78 18.39 -19.11
N TRP B 81 -7.49 18.81 -17.89
CA TRP B 81 -7.32 20.26 -17.59
C TRP B 81 -5.85 20.63 -17.43
N ILE B 82 -5.52 21.84 -17.88
CA ILE B 82 -4.24 22.53 -17.54
C ILE B 82 -4.58 23.91 -16.99
N GLY B 83 -3.70 24.41 -16.13
CA GLY B 83 -3.88 25.71 -15.49
C GLY B 83 -2.65 26.58 -15.63
N PRO B 84 -2.80 27.89 -15.37
CA PRO B 84 -1.73 28.82 -15.74
C PRO B 84 -0.43 28.74 -14.89
N GLY B 85 -0.40 27.98 -13.79
CA GLY B 85 0.82 27.73 -13.00
C GLY B 85 1.59 26.56 -13.55
N GLN B 86 1.05 25.88 -14.56
CA GLN B 86 1.63 24.61 -15.09
C GLN B 86 2.44 24.97 -16.33
N ASP B 87 3.71 25.31 -16.15
CA ASP B 87 4.52 25.92 -17.23
C ASP B 87 4.93 24.85 -18.24
N ARG B 88 5.16 23.62 -17.81
CA ARG B 88 5.74 22.59 -18.71
C ARG B 88 4.67 22.09 -19.68
N VAL B 89 3.43 21.86 -19.21
CA VAL B 89 2.35 21.40 -20.13
C VAL B 89 1.92 22.57 -21.04
N ALA B 90 1.94 23.80 -20.57
CA ALA B 90 1.58 24.97 -21.37
C ALA B 90 2.57 25.11 -22.54
N ALA B 91 3.85 24.95 -22.22
CA ALA B 91 4.93 25.03 -23.22
C ALA B 91 4.84 23.87 -24.21
N LEU B 92 4.52 22.68 -23.73
CA LEU B 92 4.44 21.50 -24.63
C LEU B 92 3.23 21.66 -25.56
N ALA B 93 2.09 22.07 -25.05
CA ALA B 93 0.88 22.25 -25.89
C ALA B 93 1.19 23.27 -27.00
N ALA B 94 1.83 24.37 -26.66
CA ALA B 94 2.17 25.43 -27.65
C ALA B 94 3.22 24.88 -28.63
N GLU B 95 4.22 24.18 -28.15
CA GLU B 95 5.29 23.63 -29.02
C GLU B 95 4.68 22.70 -30.08
N LEU B 96 3.75 21.84 -29.68
CA LEU B 96 3.25 20.78 -30.57
C LEU B 96 1.98 21.25 -31.31
N GLY B 97 1.55 22.50 -31.15
CA GLY B 97 0.48 23.08 -31.98
C GLY B 97 -0.93 22.73 -31.53
N VAL B 98 -1.12 22.45 -30.23
CA VAL B 98 -2.47 22.15 -29.69
C VAL B 98 -3.07 23.42 -29.10
N GLU B 99 -4.29 23.74 -29.48
CA GLU B 99 -5.03 24.95 -29.07
C GLU B 99 -5.72 24.63 -27.74
N THR B 100 -5.86 25.62 -26.89
CA THR B 100 -6.62 25.51 -25.62
C THR B 100 -8.00 26.13 -25.80
N TYR B 101 -8.96 25.74 -24.97
CA TYR B 101 -10.26 26.42 -24.80
C TYR B 101 -10.53 26.51 -23.30
N PRO B 102 -11.21 27.59 -22.85
CA PRO B 102 -11.49 27.80 -21.44
C PRO B 102 -12.59 26.87 -20.92
N GLN B 103 -12.39 26.38 -19.71
CA GLN B 103 -13.45 25.74 -18.90
C GLN B 103 -14.52 26.80 -18.66
N PRO B 104 -15.78 26.58 -19.11
CA PRO B 104 -16.88 27.52 -18.85
C PRO B 104 -16.92 27.97 -17.39
N THR B 105 -17.09 29.27 -17.14
CA THR B 105 -17.09 29.89 -15.78
C THR B 105 -18.46 30.49 -15.45
N GLU B 106 -19.32 30.70 -16.44
CA GLU B 106 -20.55 31.53 -16.26
C GLU B 106 -21.73 30.67 -15.81
N GLY B 107 -22.75 31.31 -15.24
CA GLY B 107 -23.99 30.66 -14.80
C GLY B 107 -23.94 30.40 -13.30
N ASP B 108 -25.08 30.13 -12.67
CA ASP B 108 -25.14 29.87 -11.22
C ASP B 108 -24.66 28.44 -10.93
N ASP B 109 -23.97 28.29 -9.81
CA ASP B 109 -23.64 26.96 -9.26
C ASP B 109 -24.84 26.53 -8.41
N VAL B 110 -25.01 25.23 -8.21
CA VAL B 110 -26.04 24.70 -7.28
C VAL B 110 -25.32 23.99 -6.14
N VAL B 111 -25.67 24.30 -4.90
CA VAL B 111 -25.13 23.64 -3.69
C VAL B 111 -26.30 22.93 -3.01
N LEU B 112 -26.07 21.68 -2.60
CA LEU B 112 -27.04 20.82 -1.89
C LEU B 112 -26.39 20.22 -0.65
N PHE B 113 -27.03 20.41 0.51
CA PHE B 113 -26.63 19.83 1.81
C PHE B 113 -27.68 18.81 2.24
N GLY B 114 -27.25 17.57 2.52
CA GLY B 114 -28.08 16.49 3.07
C GLY B 114 -29.47 16.47 2.47
N ASP B 115 -30.51 16.61 3.33
CA ASP B 115 -31.92 16.45 2.93
C ASP B 115 -32.55 17.81 2.65
N GLY B 116 -31.74 18.86 2.48
CA GLY B 116 -32.22 20.24 2.28
C GLY B 116 -32.56 20.50 0.83
N GLU B 117 -32.98 21.73 0.53
CA GLU B 117 -33.31 22.21 -0.83
C GLU B 117 -32.01 22.58 -1.54
N PRO B 118 -31.88 22.33 -2.86
CA PRO B 118 -30.78 22.90 -3.62
C PRO B 118 -30.82 24.44 -3.65
N GLN B 119 -29.69 25.09 -3.40
CA GLN B 119 -29.50 26.57 -3.43
C GLN B 119 -28.76 26.94 -4.72
N ARG B 120 -29.36 27.79 -5.58
CA ARG B 120 -28.65 28.49 -6.69
C ARG B 120 -27.84 29.65 -6.13
N ALA B 121 -26.69 29.96 -6.72
CA ALA B 121 -25.84 31.11 -6.34
C ALA B 121 -24.82 31.38 -7.45
N PRO B 122 -24.46 32.66 -7.68
CA PRO B 122 -23.54 32.99 -8.76
C PRO B 122 -22.19 32.29 -8.56
N ASP B 123 -21.81 32.05 -7.30
CA ASP B 123 -20.62 31.24 -6.95
C ASP B 123 -20.95 30.34 -5.75
N VAL B 124 -20.33 29.16 -5.69
CA VAL B 124 -20.55 28.19 -4.56
C VAL B 124 -20.23 28.88 -3.23
N ALA B 125 -19.27 29.82 -3.20
CA ALA B 125 -18.89 30.62 -2.00
C ALA B 125 -20.14 31.22 -1.36
N LEU B 126 -21.08 31.74 -2.16
CA LEU B 126 -22.18 32.59 -1.66
C LEU B 126 -23.40 31.75 -1.25
N ALA B 127 -23.25 30.42 -1.19
CA ALA B 127 -24.25 29.46 -0.63
C ALA B 127 -23.87 29.10 0.81
N PHE B 128 -22.86 29.78 1.34
CA PHE B 128 -22.44 29.66 2.75
C PHE B 128 -22.65 31.01 3.44
N SER B 129 -22.78 30.99 4.77
CA SER B 129 -22.74 32.21 5.63
C SER B 129 -21.37 32.87 5.46
N ASP B 130 -21.21 34.09 5.95
CA ASP B 130 -19.93 34.84 5.80
C ASP B 130 -18.93 34.21 6.77
N GLU B 131 -19.42 33.76 7.94
CA GLU B 131 -18.62 33.10 9.00
C GLU B 131 -18.08 31.78 8.45
N GLU B 132 -18.93 31.00 7.76
CA GLU B 132 -18.52 29.71 7.12
C GLU B 132 -17.43 29.98 6.09
N LEU B 133 -17.64 30.95 5.20
CA LEU B 133 -16.68 31.22 4.10
C LEU B 133 -15.35 31.63 4.73
N THR B 134 -15.40 32.49 5.75
CA THR B 134 -14.19 32.96 6.48
C THR B 134 -13.47 31.74 7.06
N ALA B 135 -14.20 30.86 7.75
CA ALA B 135 -13.62 29.64 8.39
C ALA B 135 -13.00 28.75 7.30
N TYR B 136 -13.67 28.57 6.16
CA TYR B 136 -13.13 27.74 5.06
C TYR B 136 -11.82 28.35 4.57
N LEU B 137 -11.80 29.66 4.38
CA LEU B 137 -10.62 30.32 3.77
C LEU B 137 -9.48 30.32 4.80
N GLU B 138 -9.78 30.42 6.09
CA GLU B 138 -8.73 30.40 7.13
C GLU B 138 -8.20 28.97 7.28
N LEU B 139 -9.04 27.97 7.10
CA LEU B 139 -8.65 26.53 7.10
C LEU B 139 -7.67 26.32 5.94
N ALA B 140 -8.02 26.80 4.75
CA ALA B 140 -7.17 26.65 3.55
C ALA B 140 -5.84 27.37 3.83
N GLY B 141 -5.91 28.62 4.34
CA GLY B 141 -4.71 29.40 4.73
C GLY B 141 -3.84 28.65 5.72
N ALA B 142 -4.43 27.98 6.71
CA ALA B 142 -3.67 27.25 7.76
C ALA B 142 -2.98 26.04 7.14
N LEU B 143 -3.61 25.37 6.18
CA LEU B 143 -2.94 24.21 5.50
C LEU B 143 -1.79 24.75 4.66
N GLU B 144 -1.94 25.93 4.04
CA GLU B 144 -0.89 26.51 3.20
C GLU B 144 0.30 26.92 4.08
N ALA B 145 0.04 27.39 5.31
CA ALA B 145 1.12 27.72 6.27
C ALA B 145 1.99 26.48 6.52
N ILE B 146 1.37 25.34 6.74
CA ILE B 146 2.07 24.05 6.93
C ILE B 146 2.78 23.72 5.62
N ALA B 147 2.06 23.81 4.50
CA ALA B 147 2.57 23.41 3.17
C ALA B 147 3.89 24.12 2.85
N GLU B 148 3.98 25.43 3.13
CA GLU B 148 5.17 26.24 2.80
C GLU B 148 6.40 25.69 3.51
N LYS B 149 6.23 25.02 4.65
CA LYS B 149 7.37 24.53 5.47
C LYS B 149 7.81 23.14 4.99
N VAL B 150 7.09 22.54 4.03
CA VAL B 150 7.38 21.17 3.52
C VAL B 150 8.24 21.28 2.27
N PRO B 151 9.55 20.94 2.33
CA PRO B 151 10.42 21.01 1.16
C PRO B 151 9.90 20.16 -0.01
N LEU B 152 9.84 20.73 -1.21
CA LEU B 152 9.25 20.06 -2.39
C LEU B 152 10.11 18.84 -2.77
N ASP B 153 11.42 18.90 -2.54
CA ASP B 153 12.36 17.81 -2.92
C ASP B 153 12.50 16.76 -1.81
N ALA B 154 12.04 17.03 -0.60
CA ALA B 154 12.35 16.19 0.58
C ALA B 154 11.34 16.51 1.65
N PRO B 155 10.05 16.16 1.47
CA PRO B 155 9.05 16.48 2.48
C PRO B 155 9.46 15.95 3.87
N TRP B 156 10.20 14.84 3.90
CA TRP B 156 10.67 14.21 5.15
C TRP B 156 11.63 15.11 5.93
N LEU B 157 12.16 16.19 5.32
CA LEU B 157 13.04 17.16 6.02
C LEU B 157 12.26 18.37 6.53
N ALA B 158 10.94 18.39 6.43
CA ALA B 158 10.14 19.45 7.08
C ALA B 158 10.49 19.45 8.57
N PRO B 159 10.68 20.63 9.22
CA PRO B 159 10.99 20.69 10.64
C PRO B 159 10.08 19.82 11.53
N GLU B 160 8.77 19.77 11.19
CA GLU B 160 7.78 18.95 11.94
C GLU B 160 7.43 17.68 11.16
N ALA B 161 8.32 17.16 10.33
CA ALA B 161 8.05 15.96 9.51
C ALA B 161 7.52 14.83 10.41
N ALA B 162 8.12 14.61 11.58
CA ALA B 162 7.78 13.45 12.46
C ALA B 162 6.32 13.56 12.91
N ALA B 163 5.92 14.74 13.38
CA ALA B 163 4.53 14.97 13.83
C ALA B 163 3.60 14.90 12.63
N TRP B 164 3.91 15.60 11.55
CA TRP B 164 2.97 15.78 10.41
C TRP B 164 2.79 14.46 9.65
N ASP B 165 3.82 13.65 9.62
CA ASP B 165 3.71 12.35 8.94
C ASP B 165 3.00 11.35 9.87
N ALA B 166 2.80 11.64 11.14
CA ALA B 166 2.11 10.70 12.04
C ALA B 166 0.63 11.05 12.20
N THR B 167 0.14 12.10 11.53
CA THR B 167 -1.23 12.67 11.68
C THR B 167 -1.95 12.50 10.35
N THR B 168 -3.20 12.11 10.34
CA THR B 168 -4.02 12.21 9.11
C THR B 168 -4.41 13.65 8.82
N LEU B 169 -4.75 13.93 7.57
CA LEU B 169 -5.32 15.25 7.25
C LEU B 169 -6.61 15.43 8.05
N ARG B 170 -7.38 14.35 8.24
CA ARG B 170 -8.68 14.46 8.93
C ARG B 170 -8.45 14.86 10.39
N GLU B 171 -7.44 14.30 11.05
CA GLU B 171 -7.18 14.65 12.47
C GLU B 171 -6.82 16.15 12.53
N TRP B 172 -6.02 16.61 11.57
CA TRP B 172 -5.61 18.04 11.47
C TRP B 172 -6.87 18.92 11.29
N VAL B 173 -7.81 18.53 10.43
CA VAL B 173 -9.05 19.30 10.19
C VAL B 173 -9.83 19.39 11.50
N ALA B 174 -9.89 18.31 12.26
CA ALA B 174 -10.65 18.27 13.53
C ALA B 174 -10.00 19.23 14.53
N GLY B 175 -8.68 19.35 14.51
CA GLY B 175 -7.95 20.22 15.47
C GLY B 175 -8.21 21.69 15.21
N THR B 176 -8.57 22.06 13.99
CA THR B 176 -8.90 23.48 13.65
C THR B 176 -10.20 23.89 14.33
N GLY B 177 -11.07 22.93 14.66
CA GLY B 177 -12.37 23.20 15.30
C GLY B 177 -13.39 23.76 14.32
N VAL B 178 -13.15 23.73 13.00
CA VAL B 178 -14.13 24.32 12.03
C VAL B 178 -15.48 23.64 12.21
N PRO B 179 -16.61 24.33 11.94
CA PRO B 179 -17.93 23.70 11.97
C PRO B 179 -18.09 22.60 10.92
N ASP B 180 -19.12 21.76 11.09
CA ASP B 180 -19.38 20.53 10.29
C ASP B 180 -19.49 20.86 8.79
N ARG B 181 -20.28 21.87 8.44
CA ARG B 181 -20.54 22.23 7.02
C ARG B 181 -19.24 22.72 6.38
N VAL B 182 -18.34 23.32 7.17
CA VAL B 182 -17.03 23.78 6.65
C VAL B 182 -16.13 22.56 6.44
N ALA B 183 -16.06 21.66 7.42
CA ALA B 183 -15.27 20.40 7.31
C ALA B 183 -15.81 19.56 6.15
N GLY B 184 -17.15 19.58 5.95
CA GLY B 184 -17.82 18.83 4.87
C GLY B 184 -17.46 19.42 3.51
N LEU B 185 -17.49 20.75 3.36
CA LEU B 185 -17.12 21.43 2.11
C LEU B 185 -15.64 21.11 1.84
N PHE B 186 -14.79 21.21 2.86
CA PHE B 186 -13.34 20.92 2.69
C PHE B 186 -13.16 19.47 2.25
N GLU B 187 -13.94 18.55 2.82
CA GLU B 187 -13.85 17.11 2.50
C GLU B 187 -14.18 16.89 1.02
N VAL B 188 -15.20 17.56 0.48
CA VAL B 188 -15.56 17.42 -0.96
C VAL B 188 -14.30 17.79 -1.76
N ALA B 189 -13.71 18.93 -1.42
CA ALA B 189 -12.54 19.44 -2.16
C ALA B 189 -11.37 18.43 -2.01
N VAL B 190 -11.16 17.90 -0.82
CA VAL B 190 -10.04 16.94 -0.59
C VAL B 190 -10.28 15.73 -1.49
N GLN B 191 -11.48 15.18 -1.47
CA GLN B 191 -11.78 13.97 -2.28
C GLN B 191 -11.65 14.30 -3.78
N ALA B 192 -12.03 15.49 -4.20
CA ALA B 192 -11.95 15.83 -5.65
C ALA B 192 -10.52 16.03 -6.06
N VAL B 193 -9.63 16.45 -5.14
CA VAL B 193 -8.23 16.74 -5.48
C VAL B 193 -7.38 15.47 -5.38
N PHE B 194 -7.61 14.65 -4.34
CA PHE B 194 -6.73 13.53 -3.98
C PHE B 194 -7.29 12.18 -4.40
N ALA B 195 -8.58 12.11 -4.76
CA ALA B 195 -9.25 10.82 -5.08
C ALA B 195 -9.09 9.89 -3.87
N ALA B 196 -9.19 10.47 -2.68
CA ALA B 196 -9.02 9.78 -1.40
C ALA B 196 -9.63 10.65 -0.33
N THR B 197 -10.00 10.07 0.81
CA THR B 197 -10.51 10.83 1.94
C THR B 197 -9.39 11.43 2.80
N SER B 198 -9.77 12.42 3.61
CA SER B 198 -8.82 13.06 4.53
C SER B 198 -8.27 12.02 5.53
N ALA B 199 -8.98 10.92 5.79
CA ALA B 199 -8.49 9.91 6.76
C ALA B 199 -7.39 9.05 6.14
N GLN B 200 -7.34 8.91 4.83
CA GLN B 200 -6.35 8.09 4.10
C GLN B 200 -5.00 8.79 4.01
N LEU B 201 -4.97 10.14 3.99
CA LEU B 201 -3.77 10.92 3.62
C LEU B 201 -3.03 11.32 4.89
N SER B 202 -1.71 11.17 4.96
CA SER B 202 -0.94 11.91 5.99
C SER B 202 -1.09 13.43 5.73
N LEU B 203 -1.10 14.19 6.81
CA LEU B 203 -1.01 15.66 6.74
C LEU B 203 0.24 16.01 5.93
N LEU B 204 1.37 15.33 6.17
CA LEU B 204 2.65 15.69 5.48
C LEU B 204 2.43 15.51 3.98
N HIS B 205 1.81 14.41 3.56
CA HIS B 205 1.52 14.20 2.12
C HIS B 205 0.64 15.34 1.54
N ALA B 206 -0.47 15.62 2.19
CA ALA B 206 -1.42 16.65 1.74
C ALA B 206 -0.70 18.00 1.66
N ALA B 207 0.06 18.33 2.70
CA ALA B 207 0.76 19.63 2.71
C ALA B 207 1.81 19.69 1.60
N HIS B 208 2.57 18.62 1.38
CA HIS B 208 3.54 18.59 0.26
C HIS B 208 2.80 18.85 -1.07
N TYR B 209 1.66 18.19 -1.26
CA TYR B 209 0.89 18.26 -2.50
C TYR B 209 0.43 19.70 -2.73
N VAL B 210 -0.03 20.37 -1.70
CA VAL B 210 -0.51 21.77 -1.73
C VAL B 210 0.67 22.68 -2.06
N HIS B 211 1.84 22.46 -1.46
CA HIS B 211 3.07 23.23 -1.76
C HIS B 211 3.43 23.04 -3.23
N SER B 212 3.35 21.81 -3.70
CA SER B 212 3.74 21.43 -5.08
C SER B 212 2.88 22.19 -6.11
N ALA B 213 1.63 22.44 -5.78
CA ALA B 213 0.63 23.09 -6.68
C ALA B 213 0.69 24.61 -6.51
N GLY B 214 1.26 25.09 -5.40
CA GLY B 214 1.39 26.52 -5.10
C GLY B 214 0.18 27.07 -4.36
N GLY B 215 -0.62 26.22 -3.70
CA GLY B 215 -1.72 26.70 -2.86
C GLY B 215 -2.99 25.92 -3.08
N TRP B 216 -3.93 26.09 -2.16
CA TRP B 216 -5.21 25.37 -2.16
C TRP B 216 -6.06 25.87 -3.32
N SER B 217 -6.14 27.19 -3.51
CA SER B 217 -6.99 27.79 -4.57
C SER B 217 -6.45 27.32 -5.94
N LYS B 218 -5.13 27.11 -6.07
CA LYS B 218 -4.54 26.61 -7.35
C LYS B 218 -5.08 25.20 -7.63
N LEU B 219 -5.32 24.41 -6.59
CA LEU B 219 -5.81 23.03 -6.76
C LEU B 219 -7.30 23.05 -7.07
N THR B 220 -8.07 23.94 -6.42
CA THR B 220 -9.55 23.85 -6.41
C THR B 220 -10.21 24.76 -7.44
N ASP B 221 -9.56 25.83 -7.90
CA ASP B 221 -10.25 26.87 -8.70
C ASP B 221 -10.18 26.53 -10.19
N THR B 222 -11.17 27.03 -10.91
CA THR B 222 -11.19 27.06 -12.38
C THR B 222 -10.37 28.26 -12.86
N GLU B 223 -10.95 29.46 -12.86
CA GLU B 223 -10.15 30.69 -13.18
C GLU B 223 -8.98 30.79 -12.19
N GLY B 224 -7.73 30.85 -12.68
CA GLY B 224 -6.53 31.03 -11.83
C GLY B 224 -5.93 29.71 -11.36
N GLY B 225 -6.65 28.61 -11.55
CA GLY B 225 -6.30 27.30 -11.02
C GLY B 225 -6.24 26.19 -12.04
N ALA B 226 -6.03 25.00 -11.51
CA ALA B 226 -5.70 23.80 -12.28
C ALA B 226 -6.81 23.46 -13.28
N GLN B 227 -8.06 23.87 -13.07
CA GLN B 227 -9.17 23.50 -13.98
C GLN B 227 -9.45 24.64 -15.00
N GLN B 228 -8.53 25.58 -15.23
CA GLN B 228 -8.85 26.80 -16.02
C GLN B 228 -9.09 26.44 -17.50
N ASP B 229 -8.26 25.58 -18.08
CA ASP B 229 -8.23 25.37 -19.55
C ASP B 229 -8.31 23.88 -19.91
N ARG B 230 -8.81 23.62 -21.12
CA ARG B 230 -8.86 22.30 -21.77
C ARG B 230 -8.09 22.40 -23.09
N LEU B 231 -7.81 21.25 -23.71
CA LEU B 231 -7.14 21.16 -25.03
C LEU B 231 -8.21 20.88 -26.10
N VAL B 232 -8.22 21.64 -27.17
CA VAL B 232 -9.13 21.38 -28.31
C VAL B 232 -8.74 20.02 -28.89
N GLY B 233 -9.68 19.08 -28.97
CA GLY B 233 -9.36 17.72 -29.46
C GLY B 233 -8.98 16.75 -28.35
N GLY B 234 -8.83 17.23 -27.12
CA GLY B 234 -8.53 16.36 -25.98
C GLY B 234 -7.04 16.17 -25.77
N VAL B 235 -6.64 15.36 -24.78
CA VAL B 235 -5.24 15.37 -24.30
C VAL B 235 -4.43 14.23 -24.94
N GLN B 236 -5.03 13.08 -25.23
CA GLN B 236 -4.24 11.97 -25.79
C GLN B 236 -3.59 12.39 -27.10
N PRO B 237 -4.24 13.22 -27.96
CA PRO B 237 -3.57 13.67 -29.19
C PRO B 237 -2.30 14.46 -28.94
N LEU B 238 -2.22 15.17 -27.81
CA LEU B 238 -0.97 15.90 -27.46
C LEU B 238 0.12 14.88 -27.15
N ALA B 239 -0.22 13.79 -26.46
CA ALA B 239 0.74 12.70 -26.24
C ALA B 239 1.16 12.09 -27.58
N GLU B 240 0.23 11.92 -28.50
CA GLU B 240 0.56 11.34 -29.84
C GLU B 240 1.54 12.25 -30.58
N ARG B 241 1.39 13.55 -30.42
CA ARG B 241 2.27 14.52 -31.12
C ARG B 241 3.66 14.43 -30.49
N LEU B 242 3.73 14.28 -29.17
CA LEU B 242 5.01 14.16 -28.46
C LEU B 242 5.66 12.86 -28.93
N ALA B 243 4.89 11.74 -29.02
CA ALA B 243 5.48 10.44 -29.44
C ALA B 243 6.00 10.54 -30.89
N ALA B 244 5.34 11.34 -31.74
CA ALA B 244 5.71 11.56 -33.17
C ALA B 244 7.10 12.22 -33.27
N ARG B 245 7.66 12.77 -32.19
CA ARG B 245 9.06 13.26 -32.17
C ARG B 245 10.10 12.15 -32.10
N LEU B 246 9.70 10.92 -31.85
CA LEU B 246 10.60 9.78 -31.80
C LEU B 246 10.67 9.14 -33.19
N PRO B 247 11.82 8.57 -33.54
CA PRO B 247 11.97 7.93 -34.83
C PRO B 247 11.13 6.64 -34.85
N ASP B 248 10.75 6.23 -36.05
CA ASP B 248 10.11 4.93 -36.29
C ASP B 248 10.91 3.82 -35.60
N GLY B 249 10.21 2.95 -34.88
CA GLY B 249 10.82 1.79 -34.21
C GLY B 249 11.20 2.07 -32.78
N ALA B 250 11.26 3.33 -32.36
CA ALA B 250 11.66 3.66 -30.98
C ALA B 250 10.51 3.28 -30.04
N LEU B 251 9.27 3.44 -30.47
CA LEU B 251 8.07 3.18 -29.61
C LEU B 251 7.60 1.77 -29.92
N ARG B 252 7.48 0.91 -28.90
CA ARG B 252 6.86 -0.42 -29.05
C ARG B 252 5.59 -0.45 -28.20
N LEU B 253 4.43 -0.53 -28.84
CA LEU B 253 3.10 -0.57 -28.17
C LEU B 253 2.72 -2.03 -27.91
N SER B 254 1.77 -2.26 -27.00
CA SER B 254 1.29 -3.61 -26.62
C SER B 254 2.51 -4.46 -26.25
N THR B 255 3.49 -3.86 -25.55
CA THR B 255 4.73 -4.54 -25.15
C THR B 255 4.95 -4.31 -23.67
N PRO B 256 4.16 -4.96 -22.78
CA PRO B 256 4.35 -4.83 -21.34
C PRO B 256 5.77 -5.26 -20.97
N VAL B 257 6.39 -4.52 -20.07
CA VAL B 257 7.67 -4.91 -19.45
C VAL B 257 7.37 -5.85 -18.28
N ARG B 258 7.86 -7.09 -18.35
CA ARG B 258 7.64 -8.11 -17.31
C ARG B 258 8.88 -8.16 -16.40
N GLY B 259 10.07 -7.99 -16.93
CA GLY B 259 11.33 -8.10 -16.17
C GLY B 259 12.30 -6.98 -16.46
N LEU B 260 13.12 -6.61 -15.47
CA LEU B 260 14.24 -5.66 -15.65
C LEU B 260 15.45 -6.15 -14.84
N ALA B 261 16.42 -6.75 -15.51
CA ALA B 261 17.65 -7.26 -14.87
C ALA B 261 18.75 -6.23 -15.14
N GLN B 262 19.69 -6.11 -14.22
CA GLN B 262 20.85 -5.23 -14.48
C GLN B 262 22.12 -5.90 -13.98
N ASP B 263 23.23 -5.50 -14.57
CA ASP B 263 24.58 -5.93 -14.11
C ASP B 263 25.50 -4.72 -14.27
N GLY B 264 26.81 -4.97 -14.34
CA GLY B 264 27.81 -3.90 -14.36
C GLY B 264 27.82 -3.19 -15.70
N ASP B 265 27.24 -3.79 -16.74
CA ASP B 265 27.39 -3.38 -18.16
C ASP B 265 26.08 -2.80 -18.71
N GLY B 266 24.94 -2.94 -18.03
CA GLY B 266 23.66 -2.55 -18.62
C GLY B 266 22.47 -3.21 -17.96
N VAL B 267 21.33 -3.11 -18.64
CA VAL B 267 20.03 -3.62 -18.13
C VAL B 267 19.43 -4.48 -19.24
N THR B 268 18.76 -5.56 -18.85
CA THR B 268 18.07 -6.46 -19.79
C THR B 268 16.58 -6.43 -19.46
N VAL B 269 15.78 -6.02 -20.42
CA VAL B 269 14.31 -5.88 -20.28
C VAL B 269 13.65 -7.12 -20.89
N ARG B 270 12.78 -7.78 -20.13
CA ARG B 270 12.10 -9.00 -20.60
C ARG B 270 10.65 -8.61 -20.89
N THR B 271 10.19 -8.89 -22.11
CA THR B 271 8.76 -8.79 -22.54
C THR B 271 8.29 -10.19 -22.91
N ALA B 272 7.01 -10.35 -23.23
CA ALA B 272 6.47 -11.64 -23.72
C ALA B 272 7.24 -12.00 -25.01
N GLY B 273 7.53 -10.99 -25.83
CA GLY B 273 8.07 -11.14 -27.20
C GLY B 273 9.57 -11.35 -27.26
N GLY B 274 10.32 -11.11 -26.18
CA GLY B 274 11.77 -11.39 -26.07
C GLY B 274 12.49 -10.42 -25.14
N GLU B 275 13.69 -9.96 -25.52
CA GLU B 275 14.60 -9.19 -24.63
C GLU B 275 15.07 -7.93 -25.35
N VAL B 276 15.24 -6.86 -24.58
CA VAL B 276 15.86 -5.58 -25.02
C VAL B 276 17.03 -5.31 -24.09
N ARG B 277 18.21 -5.04 -24.63
CA ARG B 277 19.40 -4.64 -23.83
C ARG B 277 19.58 -3.13 -23.94
N ALA B 278 19.89 -2.46 -22.83
CA ALA B 278 20.15 -1.01 -22.79
C ALA B 278 21.25 -0.76 -21.79
N ARG B 279 21.85 0.42 -21.84
CA ARG B 279 22.86 0.85 -20.84
C ARG B 279 22.10 1.23 -19.56
N ARG B 280 20.98 1.96 -19.68
CA ARG B 280 20.22 2.43 -18.51
C ARG B 280 18.72 2.38 -18.83
N ALA B 281 17.91 2.39 -17.78
CA ALA B 281 16.44 2.31 -17.89
C ALA B 281 15.83 3.49 -17.15
N ILE B 282 14.75 4.01 -17.70
CA ILE B 282 13.85 4.93 -16.97
C ILE B 282 12.52 4.21 -16.82
N VAL B 283 12.10 3.95 -15.59
CA VAL B 283 10.78 3.33 -15.32
C VAL B 283 9.81 4.47 -15.00
N ALA B 284 8.79 4.65 -15.84
CA ALA B 284 7.91 5.84 -15.78
C ALA B 284 6.46 5.38 -15.62
N VAL B 285 6.21 4.45 -14.74
CA VAL B 285 4.86 3.88 -14.50
C VAL B 285 4.44 4.22 -13.07
N PRO B 286 3.13 4.13 -12.78
CA PRO B 286 2.67 4.28 -11.41
C PRO B 286 3.44 3.37 -10.45
N PRO B 287 3.68 3.84 -9.20
CA PRO B 287 4.47 3.10 -8.22
C PRO B 287 4.02 1.65 -8.08
N THR B 288 2.72 1.38 -7.90
CA THR B 288 2.22 0.00 -7.71
C THR B 288 2.67 -0.89 -8.86
N LEU B 289 2.67 -0.38 -10.08
CA LEU B 289 3.02 -1.18 -11.27
C LEU B 289 4.54 -1.33 -11.39
N ALA B 290 5.32 -0.34 -10.94
CA ALA B 290 6.80 -0.41 -10.92
C ALA B 290 7.22 -1.56 -10.00
N GLY B 291 6.49 -1.80 -8.90
CA GLY B 291 6.89 -2.84 -7.95
C GLY B 291 6.59 -4.23 -8.47
N ARG B 292 5.66 -4.34 -9.42
CA ARG B 292 5.20 -5.64 -9.98
C ARG B 292 6.20 -6.16 -11.02
N ILE B 293 7.04 -5.31 -11.58
CA ILE B 293 8.10 -5.80 -12.51
C ILE B 293 9.03 -6.74 -11.74
N ASP B 294 9.51 -7.77 -12.43
CA ASP B 294 10.50 -8.74 -11.96
C ASP B 294 11.88 -8.08 -12.04
N HIS B 295 12.32 -7.45 -10.97
CA HIS B 295 13.64 -6.76 -10.89
C HIS B 295 14.70 -7.77 -10.48
N ASP B 296 15.82 -7.80 -11.20
CA ASP B 296 16.98 -8.65 -10.85
C ASP B 296 18.24 -7.78 -10.88
N PRO B 297 18.96 -7.57 -9.75
CA PRO B 297 18.57 -8.09 -8.43
C PRO B 297 17.25 -7.45 -7.97
N PRO B 298 16.57 -8.02 -6.95
CA PRO B 298 15.39 -7.40 -6.36
C PRO B 298 15.66 -5.95 -5.96
N LEU B 299 14.66 -5.09 -6.03
CA LEU B 299 14.79 -3.70 -5.54
C LEU B 299 15.20 -3.76 -4.07
N PRO B 300 16.01 -2.79 -3.62
CA PRO B 300 16.27 -2.66 -2.20
C PRO B 300 14.99 -2.57 -1.38
N PRO B 301 15.03 -3.09 -0.13
CA PRO B 301 13.84 -3.20 0.69
C PRO B 301 13.16 -1.85 0.92
N GLN B 302 13.89 -0.77 1.17
CA GLN B 302 13.22 0.53 1.40
C GLN B 302 12.39 0.92 0.16
N ARG B 303 12.89 0.76 -1.07
CA ARG B 303 12.08 1.16 -2.25
C ARG B 303 10.94 0.18 -2.48
N ASP B 304 11.14 -1.11 -2.32
CA ASP B 304 10.02 -2.08 -2.50
C ASP B 304 8.90 -1.70 -1.53
N GLN B 305 9.25 -1.43 -0.27
CA GLN B 305 8.22 -1.13 0.74
C GLN B 305 7.67 0.29 0.53
N LEU B 306 8.43 1.22 -0.03
CA LEU B 306 7.83 2.52 -0.40
C LEU B 306 6.69 2.28 -1.40
N LEU B 307 6.88 1.43 -2.39
CA LEU B 307 5.83 1.21 -3.42
C LEU B 307 4.63 0.53 -2.75
N GLN B 308 4.87 -0.36 -1.76
CA GLN B 308 3.79 -0.99 -0.99
C GLN B 308 3.00 0.08 -0.22
N HIS B 309 3.63 1.22 0.11
CA HIS B 309 3.01 2.36 0.85
C HIS B 309 2.60 3.53 -0.05
N MET B 310 2.52 3.34 -1.36
CA MET B 310 2.11 4.41 -2.30
C MET B 310 0.86 3.97 -3.09
N PRO B 311 -0.26 3.68 -2.41
CA PRO B 311 -1.47 3.27 -3.12
C PRO B 311 -2.02 4.37 -4.06
N GLN B 312 -2.52 3.94 -5.22
CA GLN B 312 -3.20 4.85 -6.15
C GLN B 312 -4.55 5.24 -5.55
N GLY B 313 -5.03 6.42 -5.95
CA GLY B 313 -6.38 6.91 -5.62
C GLY B 313 -7.46 6.07 -6.27
N SER B 314 -8.70 6.42 -5.96
CA SER B 314 -9.90 5.71 -6.44
C SER B 314 -10.82 6.78 -7.04
N VAL B 315 -10.94 6.80 -8.37
CA VAL B 315 -11.85 7.75 -9.05
C VAL B 315 -12.50 7.04 -10.23
N VAL B 316 -13.77 7.33 -10.41
CA VAL B 316 -14.52 7.00 -11.64
C VAL B 316 -14.87 8.34 -12.27
N LYS B 317 -14.35 8.60 -13.47
CA LYS B 317 -14.67 9.88 -14.15
C LYS B 317 -15.81 9.61 -15.13
N PHE B 318 -16.77 10.51 -15.22
CA PHE B 318 -17.92 10.35 -16.13
C PHE B 318 -18.14 11.64 -16.92
N HIS B 319 -18.83 11.42 -18.03
CA HIS B 319 -19.38 12.46 -18.92
C HIS B 319 -20.82 12.06 -19.21
N VAL B 320 -21.75 12.84 -18.70
CA VAL B 320 -23.20 12.65 -19.04
C VAL B 320 -23.50 13.48 -20.28
N ILE B 321 -24.09 12.86 -21.31
CA ILE B 321 -24.27 13.49 -22.65
C ILE B 321 -25.76 13.80 -22.82
N TYR B 322 -26.04 15.06 -23.19
CA TYR B 322 -27.38 15.56 -23.54
C TYR B 322 -27.34 16.14 -24.95
N ASP B 323 -28.46 16.14 -25.63
CA ASP B 323 -28.51 16.75 -26.99
C ASP B 323 -28.03 18.22 -26.91
N GLU B 324 -28.34 18.94 -25.85
CA GLU B 324 -27.90 20.34 -25.65
C GLU B 324 -27.53 20.60 -24.20
N PRO B 325 -26.72 21.65 -23.94
CA PRO B 325 -26.46 22.10 -22.58
C PRO B 325 -27.65 22.92 -22.07
N TRP B 326 -28.76 22.21 -21.87
CA TRP B 326 -30.08 22.78 -21.45
C TRP B 326 -29.96 23.59 -20.16
N TRP B 327 -29.01 23.27 -19.27
CA TRP B 327 -28.85 24.02 -17.97
C TRP B 327 -28.44 25.47 -18.25
N ARG B 328 -27.78 25.76 -19.38
CA ARG B 328 -27.32 27.14 -19.69
C ARG B 328 -28.52 28.07 -19.91
N ALA B 329 -29.59 27.60 -20.53
CA ALA B 329 -30.81 28.40 -20.84
C ALA B 329 -31.54 28.78 -19.54
N GLU B 330 -31.33 28.03 -18.46
CA GLU B 330 -31.90 28.31 -17.11
C GLU B 330 -30.93 29.13 -16.24
N GLY B 331 -29.80 29.56 -16.79
CA GLY B 331 -28.78 30.37 -16.10
C GLY B 331 -27.91 29.59 -15.14
N LEU B 332 -27.83 28.26 -15.31
CA LEU B 332 -26.99 27.37 -14.47
C LEU B 332 -25.66 27.11 -15.19
N SER B 333 -24.60 26.98 -14.40
CA SER B 333 -23.22 26.72 -14.89
C SER B 333 -23.07 25.24 -15.24
N GLY B 334 -23.83 24.37 -14.61
CA GLY B 334 -23.65 22.91 -14.73
C GLY B 334 -22.81 22.38 -13.62
N THR B 335 -22.29 23.25 -12.76
CA THR B 335 -21.57 22.83 -11.55
C THR B 335 -22.55 22.61 -10.41
N VAL B 336 -22.54 21.44 -9.81
CA VAL B 336 -23.24 21.18 -8.54
C VAL B 336 -22.18 20.85 -7.51
N LEU B 337 -22.45 21.20 -6.26
CA LEU B 337 -21.55 20.90 -5.13
C LEU B 337 -22.39 20.26 -4.03
N CYS B 338 -22.13 18.99 -3.71
CA CYS B 338 -22.99 18.12 -2.89
C CYS B 338 -22.13 17.33 -1.92
N PRO B 339 -21.78 17.91 -0.76
CA PRO B 339 -20.90 17.22 0.19
C PRO B 339 -21.43 15.88 0.70
N ASP B 340 -22.73 15.63 0.58
CA ASP B 340 -23.38 14.42 1.18
C ASP B 340 -23.69 13.36 0.12
N GLU B 341 -23.42 13.63 -1.16
CA GLU B 341 -23.83 12.73 -2.27
C GLU B 341 -22.65 11.89 -2.73
N PRO B 342 -22.87 10.79 -3.48
CA PRO B 342 -21.78 9.99 -4.03
C PRO B 342 -20.94 10.77 -5.05
N ILE B 343 -21.53 11.78 -5.69
CA ILE B 343 -20.85 12.71 -6.63
C ILE B 343 -20.71 14.05 -5.91
N GLY B 344 -19.50 14.59 -5.82
CA GLY B 344 -19.24 15.77 -4.98
C GLY B 344 -19.33 17.02 -5.83
N VAL B 345 -18.72 16.94 -7.01
CA VAL B 345 -18.53 18.15 -7.88
C VAL B 345 -18.70 17.78 -9.35
N THR B 346 -19.30 18.70 -10.09
CA THR B 346 -19.49 18.56 -11.55
C THR B 346 -19.06 19.84 -12.25
N PHE B 347 -18.85 19.69 -13.55
CA PHE B 347 -18.43 20.77 -14.46
C PHE B 347 -19.20 20.65 -15.77
N ASP B 348 -19.47 21.79 -16.35
CA ASP B 348 -19.95 21.87 -17.76
C ASP B 348 -18.80 21.40 -18.65
N GLY B 349 -18.93 20.24 -19.30
CA GLY B 349 -17.93 19.62 -20.18
C GLY B 349 -18.26 19.83 -21.65
N THR B 350 -19.25 20.67 -21.97
CA THR B 350 -19.68 20.98 -23.37
C THR B 350 -18.50 21.56 -24.15
N PRO B 351 -18.24 21.08 -25.40
CA PRO B 351 -17.14 21.63 -26.19
C PRO B 351 -17.49 23.00 -26.76
N PRO B 352 -16.51 23.73 -27.32
CA PRO B 352 -16.74 25.06 -27.86
C PRO B 352 -17.88 25.17 -28.89
N ALA B 353 -18.13 24.14 -29.68
CA ALA B 353 -19.25 24.15 -30.67
C ALA B 353 -20.58 24.31 -29.93
N GLY B 354 -20.67 23.96 -28.64
CA GLY B 354 -21.88 24.25 -27.84
C GLY B 354 -22.85 23.08 -27.81
N THR B 355 -22.54 21.99 -28.52
CA THR B 355 -23.29 20.71 -28.49
C THR B 355 -22.29 19.57 -28.71
N PRO B 356 -22.51 18.35 -28.20
CA PRO B 356 -23.63 18.03 -27.32
C PRO B 356 -23.40 18.67 -25.95
N GLY B 357 -24.44 18.77 -25.12
CA GLY B 357 -24.26 19.19 -23.73
C GLY B 357 -23.54 18.06 -22.99
N ILE B 358 -22.57 18.42 -22.16
CA ILE B 358 -21.89 17.38 -21.33
C ILE B 358 -21.84 17.90 -19.90
N VAL B 359 -22.23 17.05 -18.96
CA VAL B 359 -21.86 17.30 -17.53
C VAL B 359 -20.78 16.29 -17.18
N THR B 360 -19.65 16.80 -16.69
CA THR B 360 -18.49 15.98 -16.34
C THR B 360 -18.41 15.92 -14.81
N GLY B 361 -17.98 14.78 -14.27
CA GLY B 361 -17.82 14.68 -12.83
C GLY B 361 -17.12 13.40 -12.41
N PHE B 362 -17.14 13.17 -11.11
CA PHE B 362 -16.31 12.09 -10.54
C PHE B 362 -16.99 11.47 -9.33
N PHE B 363 -16.93 10.16 -9.25
CA PHE B 363 -17.00 9.45 -7.97
C PHE B 363 -15.57 9.36 -7.40
N GLU B 364 -15.40 9.61 -6.11
CA GLU B 364 -14.08 9.74 -5.47
C GLU B 364 -14.03 8.82 -4.26
N GLY B 365 -12.85 8.24 -4.02
CA GLY B 365 -12.54 7.50 -2.78
C GLY B 365 -13.54 6.38 -2.57
N PRO B 366 -14.14 6.26 -1.37
CA PRO B 366 -15.12 5.20 -1.11
C PRO B 366 -16.24 5.15 -2.16
N ALA B 367 -16.71 6.29 -2.59
CA ALA B 367 -17.84 6.35 -3.54
C ALA B 367 -17.40 5.74 -4.88
N ALA B 368 -16.16 5.96 -5.27
CA ALA B 368 -15.59 5.36 -6.49
C ALA B 368 -15.52 3.85 -6.34
N VAL B 369 -15.05 3.34 -5.22
CA VAL B 369 -14.91 1.87 -5.05
C VAL B 369 -16.33 1.26 -5.03
N ALA B 370 -17.30 1.90 -4.40
CA ALA B 370 -18.68 1.34 -4.36
C ALA B 370 -19.20 1.34 -5.80
N ALA B 371 -19.00 2.44 -6.52
CA ALA B 371 -19.58 2.62 -7.87
C ALA B 371 -18.88 1.67 -8.85
N GLY B 372 -17.59 1.39 -8.69
CA GLY B 372 -16.79 0.58 -9.59
C GLY B 372 -17.25 -0.87 -9.59
N ALA B 373 -17.87 -1.30 -8.48
CA ALA B 373 -18.39 -2.68 -8.32
C ALA B 373 -19.76 -2.82 -9.01
N ARG B 374 -20.36 -1.72 -9.47
CA ARG B 374 -21.71 -1.71 -10.05
C ARG B 374 -21.62 -1.59 -11.57
N THR B 375 -22.74 -1.65 -12.25
CA THR B 375 -22.73 -1.57 -13.73
C THR B 375 -22.72 -0.10 -14.15
N ARG B 376 -22.39 0.13 -15.43
CA ARG B 376 -22.45 1.47 -16.06
C ARG B 376 -23.87 2.02 -15.87
N GLU B 377 -24.91 1.22 -16.10
CA GLU B 377 -26.31 1.73 -16.03
C GLU B 377 -26.60 2.14 -14.56
N GLU B 378 -26.09 1.40 -13.58
CA GLU B 378 -26.32 1.75 -12.15
C GLU B 378 -25.59 3.06 -11.79
N ARG B 379 -24.34 3.21 -12.22
CA ARG B 379 -23.59 4.50 -12.07
C ARG B 379 -24.36 5.63 -12.78
N ARG B 380 -24.79 5.45 -14.03
CA ARG B 380 -25.62 6.45 -14.76
C ARG B 380 -26.80 6.85 -13.88
N ASP B 381 -27.50 5.89 -13.30
CA ASP B 381 -28.74 6.18 -12.55
C ASP B 381 -28.37 7.05 -11.34
N VAL B 382 -27.27 6.75 -10.65
CA VAL B 382 -26.84 7.53 -9.46
C VAL B 382 -26.55 8.97 -9.91
N VAL B 383 -25.79 9.12 -10.98
CA VAL B 383 -25.40 10.49 -11.43
C VAL B 383 -26.63 11.27 -11.82
N VAL B 384 -27.47 10.71 -12.68
CA VAL B 384 -28.68 11.39 -13.19
C VAL B 384 -29.57 11.78 -12.03
N ASP B 385 -29.63 10.97 -10.98
CA ASP B 385 -30.47 11.25 -9.80
C ASP B 385 -29.93 12.46 -9.05
N VAL B 386 -28.63 12.57 -8.92
CA VAL B 386 -28.00 13.74 -8.26
C VAL B 386 -28.25 14.98 -9.12
N LEU B 387 -28.06 14.87 -10.43
CA LEU B 387 -28.31 16.02 -11.34
C LEU B 387 -29.78 16.41 -11.34
N ALA B 388 -30.69 15.44 -11.27
CA ALA B 388 -32.14 15.73 -11.30
C ALA B 388 -32.52 16.60 -10.11
N ARG B 389 -31.94 16.35 -8.94
CA ARG B 389 -32.30 17.01 -7.68
C ARG B 389 -31.57 18.35 -7.55
N THR B 390 -30.62 18.64 -8.43
CA THR B 390 -29.80 19.87 -8.35
C THR B 390 -30.05 20.74 -9.59
N LEU B 391 -29.67 20.26 -10.78
CA LEU B 391 -29.91 21.02 -12.04
C LEU B 391 -31.39 21.00 -12.44
N GLY B 392 -32.13 19.93 -12.19
CA GLY B 392 -33.54 19.85 -12.57
C GLY B 392 -33.83 18.52 -13.23
N GLU B 393 -35.10 18.19 -13.31
CA GLU B 393 -35.59 16.85 -13.73
C GLU B 393 -35.24 16.60 -15.20
N ARG B 394 -34.96 17.63 -16.02
CA ARG B 394 -34.53 17.43 -17.44
C ARG B 394 -33.26 16.56 -17.48
N ALA B 395 -32.50 16.50 -16.39
CA ALA B 395 -31.30 15.66 -16.23
C ALA B 395 -31.62 14.18 -16.45
N ARG B 396 -32.91 13.76 -16.31
CA ARG B 396 -33.27 12.33 -16.47
C ARG B 396 -33.39 11.97 -17.95
N ASP B 397 -33.54 12.98 -18.82
CA ASP B 397 -33.62 12.76 -20.28
C ASP B 397 -32.20 12.76 -20.84
N VAL B 398 -31.46 11.69 -20.56
CA VAL B 398 -30.01 11.55 -20.87
C VAL B 398 -29.88 10.91 -22.25
N ARG B 399 -28.98 11.41 -23.09
CA ARG B 399 -28.69 10.77 -24.40
C ARG B 399 -27.70 9.61 -24.19
N ASP B 400 -26.68 9.82 -23.39
CA ASP B 400 -25.66 8.77 -23.18
C ASP B 400 -24.94 9.06 -21.86
N TYR B 401 -24.13 8.12 -21.45
CA TYR B 401 -23.36 8.22 -20.20
C TYR B 401 -22.09 7.40 -20.42
N ILE B 402 -20.96 8.09 -20.36
CA ILE B 402 -19.65 7.47 -20.65
C ILE B 402 -18.77 7.68 -19.44
N ASP B 403 -18.19 6.59 -18.96
CA ASP B 403 -17.33 6.72 -17.76
C ASP B 403 -16.19 5.73 -17.83
N ARG B 404 -15.23 5.91 -16.92
CA ARG B 404 -14.11 5.02 -16.78
C ARG B 404 -13.71 4.95 -15.32
N ASP B 405 -13.65 3.72 -14.82
CA ASP B 405 -13.05 3.40 -13.50
C ASP B 405 -11.56 3.14 -13.71
N TRP B 406 -10.72 4.10 -13.34
CA TRP B 406 -9.26 3.96 -13.54
C TRP B 406 -8.66 2.91 -12.60
N SER B 407 -9.38 2.49 -11.56
CA SER B 407 -8.91 1.40 -10.69
C SER B 407 -8.92 0.07 -11.43
N ALA B 408 -9.79 -0.08 -12.41
CA ALA B 408 -10.02 -1.33 -13.16
C ALA B 408 -9.11 -1.34 -14.39
N GLU B 409 -8.40 -0.25 -14.63
CA GLU B 409 -7.41 -0.22 -15.74
C GLU B 409 -6.16 -0.99 -15.30
N PRO B 410 -5.81 -2.15 -15.87
CA PRO B 410 -4.67 -2.92 -15.33
C PRO B 410 -3.33 -2.16 -15.43
N TRP B 411 -3.20 -1.25 -16.38
CA TRP B 411 -1.93 -0.50 -16.58
C TRP B 411 -1.95 0.86 -15.87
N THR B 412 -2.95 1.14 -15.03
CA THR B 412 -2.96 2.30 -14.14
C THR B 412 -3.21 1.87 -12.70
N ARG B 413 -4.34 1.22 -12.46
CA ARG B 413 -4.71 0.70 -11.10
C ARG B 413 -4.97 1.88 -10.15
N GLY B 414 -5.49 2.99 -10.69
CA GLY B 414 -6.10 4.06 -9.91
C GLY B 414 -5.61 5.42 -10.36
N CYS B 415 -6.54 6.35 -10.45
CA CYS B 415 -6.22 7.76 -10.66
C CYS B 415 -6.56 8.53 -9.39
N TYR B 416 -6.10 9.78 -9.31
CA TYR B 416 -5.31 10.43 -10.32
C TYR B 416 -3.87 9.96 -10.20
N GLY B 417 -3.45 9.59 -8.98
CA GLY B 417 -2.10 9.19 -8.66
C GLY B 417 -2.03 8.61 -7.28
N ALA B 418 -0.83 8.26 -6.86
CA ALA B 418 -0.61 7.70 -5.52
C ALA B 418 -0.81 8.76 -4.45
N HIS B 419 -1.13 8.30 -3.27
CA HIS B 419 -0.99 9.09 -2.02
C HIS B 419 -0.16 8.26 -1.04
N LEU B 420 0.22 8.92 0.07
CA LEU B 420 0.99 8.27 1.14
C LEU B 420 0.22 8.40 2.45
N PRO B 421 -0.06 7.26 3.09
CA PRO B 421 -0.74 7.28 4.39
C PRO B 421 0.27 7.67 5.46
N PRO B 422 -0.18 7.88 6.70
CA PRO B 422 0.76 8.21 7.78
C PRO B 422 1.95 7.23 7.87
N GLY B 423 3.14 7.79 8.07
CA GLY B 423 4.37 7.02 8.34
C GLY B 423 5.19 6.78 7.09
N ALA B 424 4.60 6.96 5.91
CA ALA B 424 5.23 6.50 4.66
C ALA B 424 6.32 7.49 4.20
N TRP B 425 6.03 8.79 4.17
CA TRP B 425 6.98 9.78 3.61
C TRP B 425 8.29 9.77 4.37
N THR B 426 8.24 9.73 5.69
CA THR B 426 9.47 9.88 6.51
C THR B 426 10.28 8.57 6.50
N VAL B 427 9.62 7.42 6.50
CA VAL B 427 10.38 6.15 6.63
C VAL B 427 10.80 5.60 5.27
N TYR B 428 9.90 5.60 4.30
CA TYR B 428 10.17 4.96 2.98
C TYR B 428 10.40 6.01 1.88
N GLY B 429 9.79 7.18 2.04
CA GLY B 429 9.80 8.29 1.07
C GLY B 429 11.18 8.63 0.54
N PRO B 430 12.28 8.65 1.33
CA PRO B 430 13.58 9.04 0.80
C PRO B 430 14.07 8.18 -0.38
N ALA B 431 13.47 7.03 -0.64
CA ALA B 431 13.85 6.16 -1.77
C ALA B 431 13.14 6.58 -3.06
N LEU B 432 12.29 7.60 -3.01
CA LEU B 432 11.34 7.90 -4.13
C LEU B 432 12.07 8.08 -5.47
N ARG B 433 13.10 8.93 -5.51
CA ARG B 433 13.70 9.35 -6.81
C ARG B 433 15.10 8.77 -7.00
N VAL B 434 15.61 8.09 -5.99
CA VAL B 434 17.04 7.66 -5.96
C VAL B 434 17.19 6.54 -6.99
N PRO B 435 18.10 6.64 -7.96
CA PRO B 435 18.29 5.55 -8.90
C PRO B 435 18.79 4.28 -8.20
N VAL B 436 18.37 3.13 -8.68
CA VAL B 436 18.89 1.82 -8.20
C VAL B 436 19.82 1.28 -9.30
N GLY B 437 21.12 1.52 -9.13
CA GLY B 437 22.14 1.23 -10.14
C GLY B 437 21.82 1.93 -11.45
N ARG B 438 21.49 1.15 -12.48
CA ARG B 438 21.22 1.66 -13.86
C ARG B 438 19.71 1.89 -14.09
N VAL B 439 18.87 1.78 -13.07
CA VAL B 439 17.40 1.96 -13.21
C VAL B 439 17.05 3.27 -12.50
N HIS B 440 16.56 4.20 -13.30
CA HIS B 440 16.10 5.53 -12.86
C HIS B 440 14.58 5.60 -12.90
N TRP B 441 14.02 6.59 -12.24
CA TRP B 441 12.59 6.66 -11.92
C TRP B 441 12.01 7.94 -12.48
N ALA B 442 10.88 7.82 -13.14
CA ALA B 442 10.07 8.99 -13.54
C ALA B 442 8.60 8.66 -13.24
N GLY B 443 7.72 9.56 -13.57
CA GLY B 443 6.31 9.49 -13.22
C GLY B 443 5.93 10.73 -12.44
N THR B 444 4.70 11.17 -12.58
CA THR B 444 4.20 12.39 -11.90
C THR B 444 4.44 12.27 -10.39
N GLU B 445 4.39 11.07 -9.85
CA GLU B 445 4.54 10.84 -8.39
C GLU B 445 5.96 11.23 -7.94
N THR B 446 6.92 11.43 -8.88
CA THR B 446 8.30 11.81 -8.54
C THR B 446 8.54 13.29 -8.80
N ALA B 447 7.53 14.03 -9.24
CA ALA B 447 7.72 15.47 -9.58
C ALA B 447 7.84 16.29 -8.29
N GLU B 448 8.51 17.43 -8.34
CA GLU B 448 8.54 18.42 -7.22
C GLU B 448 7.39 19.42 -7.37
N ARG B 449 7.10 19.82 -8.61
CA ARG B 449 6.08 20.83 -8.95
C ARG B 449 4.92 20.17 -9.70
N TRP B 450 3.69 20.44 -9.25
CA TRP B 450 2.45 19.87 -9.80
C TRP B 450 2.57 18.34 -9.81
N THR B 451 3.09 17.75 -8.73
CA THR B 451 3.03 16.29 -8.55
C THR B 451 1.55 15.91 -8.68
N GLY B 452 1.27 14.80 -9.36
CA GLY B 452 -0.12 14.31 -9.52
C GLY B 452 -0.76 14.80 -10.81
N TYR B 453 -0.09 15.67 -11.56
CA TYR B 453 -0.69 16.30 -12.76
C TYR B 453 0.17 15.98 -13.99
N ILE B 454 -0.41 16.22 -15.16
CA ILE B 454 0.33 16.10 -16.45
C ILE B 454 1.59 16.95 -16.35
N ASP B 455 1.51 18.14 -15.77
CA ASP B 455 2.65 19.07 -15.70
C ASP B 455 3.80 18.42 -14.91
N GLY B 456 3.50 17.74 -13.80
CA GLY B 456 4.54 17.04 -13.02
C GLY B 456 5.07 15.81 -13.74
N ALA B 457 4.24 15.11 -14.53
CA ALA B 457 4.70 13.99 -15.35
C ALA B 457 5.79 14.50 -16.28
N ILE B 458 5.55 15.64 -16.94
CA ILE B 458 6.58 16.20 -17.84
C ILE B 458 7.86 16.57 -17.06
N GLU B 459 7.73 17.22 -15.91
CA GLU B 459 8.90 17.57 -15.06
C GLU B 459 9.69 16.30 -14.78
N SER B 460 9.03 15.22 -14.39
CA SER B 460 9.73 13.98 -14.00
C SER B 460 10.52 13.45 -15.20
N GLY B 461 9.95 13.49 -16.40
CA GLY B 461 10.64 12.98 -17.60
C GLY B 461 11.87 13.82 -17.92
N GLN B 462 11.78 15.13 -17.77
CA GLN B 462 12.93 16.06 -18.01
C GLN B 462 14.03 15.68 -17.00
N ARG B 463 13.65 15.53 -15.73
CA ARG B 463 14.63 15.26 -14.67
C ARG B 463 15.29 13.91 -14.95
N ALA B 464 14.51 12.84 -15.17
CA ALA B 464 15.06 11.48 -15.37
C ALA B 464 15.99 11.47 -16.59
N ALA B 465 15.62 12.14 -17.66
CA ALA B 465 16.42 12.20 -18.90
C ALA B 465 17.77 12.86 -18.57
N ALA B 466 17.75 14.01 -17.89
CA ALA B 466 19.00 14.70 -17.50
C ALA B 466 19.86 13.75 -16.68
N GLU B 467 19.29 12.99 -15.72
CA GLU B 467 20.06 12.06 -14.87
C GLU B 467 20.77 11.01 -15.72
N VAL B 468 20.00 10.34 -16.59
CA VAL B 468 20.47 9.22 -17.42
C VAL B 468 21.55 9.76 -18.36
N LEU B 469 21.35 10.93 -18.96
CA LEU B 469 22.36 11.45 -19.90
C LEU B 469 23.66 11.74 -19.12
N ALA B 470 23.56 12.35 -17.93
CA ALA B 470 24.77 12.57 -17.09
C ALA B 470 25.44 11.24 -16.74
N ALA B 471 24.69 10.18 -16.44
CA ALA B 471 25.22 8.87 -16.00
C ALA B 471 25.87 8.12 -17.16
N LEU B 472 25.38 8.29 -18.39
CA LEU B 472 25.98 7.55 -19.54
C LEU B 472 27.47 7.90 -19.65
N GLY B 473 27.91 9.09 -19.21
CA GLY B 473 29.35 9.38 -19.03
C GLY B 473 29.63 10.84 -19.27
PA FAD C . 4.20 -17.55 3.72
O1A FAD C . 4.72 -16.23 3.28
O2A FAD C . 4.93 -18.32 4.82
O5B FAD C . 4.11 -18.48 2.45
C5B FAD C . 3.92 -18.03 1.11
C4B FAD C . 4.79 -18.85 0.15
O4B FAD C . 4.58 -18.32 -1.18
C3B FAD C . 6.27 -18.67 0.43
O3B FAD C . 6.94 -19.96 0.68
C2B FAD C . 6.81 -17.95 -0.79
O2B FAD C . 8.16 -18.24 -1.13
C1B FAD C . 5.82 -18.36 -1.85
N9A FAD C . 5.66 -17.39 -2.93
C8A FAD C . 5.50 -16.04 -2.86
N7A FAD C . 5.23 -15.58 -4.09
C5A FAD C . 5.19 -16.68 -4.94
C6A FAD C . 4.94 -16.79 -6.32
N6A FAD C . 4.66 -15.76 -7.19
N1A FAD C . 4.98 -18.05 -6.81
C2A FAD C . 5.19 -19.12 -6.01
N3A FAD C . 5.42 -19.04 -4.74
C4A FAD C . 5.39 -17.79 -4.19
N1 FAD C . 4.33 -16.51 13.45
C2 FAD C . 4.17 -17.28 14.54
O2 FAD C . 3.17 -18.01 14.63
N3 FAD C . 5.12 -17.29 15.53
C4 FAD C . 6.23 -16.51 15.47
O4 FAD C . 7.14 -16.57 16.35
C4X FAD C . 6.41 -15.65 14.39
N5 FAD C . 7.49 -14.79 14.33
C5X FAD C . 7.72 -14.20 13.10
C6 FAD C . 8.94 -13.65 12.88
C7 FAD C . 9.43 -13.31 11.61
C7M FAD C . 10.79 -12.66 11.47
C8 FAD C . 8.66 -13.61 10.51
C8M FAD C . 9.17 -13.35 9.07
C9 FAD C . 7.36 -14.14 10.71
C9A FAD C . 6.88 -14.48 11.99
N10 FAD C . 5.61 -14.96 12.22
C10 FAD C . 5.44 -15.68 13.35
C1' FAD C . 4.54 -15.01 11.16
C2' FAD C . 4.52 -16.39 10.47
O2' FAD C . 5.81 -16.84 10.07
C3' FAD C . 3.57 -16.21 9.23
O3' FAD C . 2.27 -15.73 9.62
C4' FAD C . 3.30 -17.52 8.41
O4' FAD C . 4.51 -18.26 8.28
C5' FAD C . 2.71 -17.20 7.07
O5' FAD C . 2.39 -18.43 6.43
P FAD C . 1.66 -18.27 5.00
O1P FAD C . 1.59 -19.67 4.46
O2P FAD C . 0.39 -17.45 5.03
O3P FAD C . 2.66 -17.34 4.13
MG MG D . 10.37 -13.94 32.72
N1 A1ISO E . 5.24 -13.24 16.07
C1 A1ISO E . 6.29 -8.60 22.63
C2 A1ISO E . 6.53 -9.85 21.78
C3 A1ISO E . 7.60 -9.76 20.75
C4 A1ISO E . 7.70 -10.89 19.74
C5 A1ISO E . 6.65 -10.86 18.65
C6 A1ISO E . 6.76 -11.94 17.56
C7 A1ISO E . 5.56 -11.92 16.64
PA FAD F . 0.96 7.39 -16.80
O1A FAD F . 0.20 6.49 -15.92
O2A FAD F . 0.18 8.35 -17.63
O5B FAD F . 1.86 6.53 -17.81
C5B FAD F . 2.52 5.30 -17.45
C4B FAD F . 2.47 4.41 -18.67
O4B FAD F . 3.13 3.18 -18.32
C3B FAD F . 1.08 4.10 -19.18
O3B FAD F . 0.92 4.43 -20.59
C2B FAD F . 0.99 2.60 -18.89
O2B FAD F . 0.19 1.87 -19.81
C1B FAD F . 2.40 2.11 -18.93
N9A FAD F . 2.73 0.92 -18.18
C8A FAD F . 2.35 0.62 -16.90
N7A FAD F . 2.95 -0.53 -16.55
C5A FAD F . 3.77 -0.90 -17.58
C6A FAD F . 4.60 -2.01 -17.80
N6A FAD F . 4.91 -2.94 -16.90
N1A FAD F . 5.25 -2.10 -18.99
C2A FAD F . 5.09 -1.16 -19.95
N3A FAD F . 4.26 -0.10 -19.77
C4A FAD F . 3.60 0.00 -18.58
N1 FAD F . -3.89 15.65 -14.54
C2 FAD F . -3.95 16.87 -15.08
O2 FAD F . -2.91 17.55 -15.27
N3 FAD F . -5.15 17.39 -15.40
C4 FAD F . -6.35 16.71 -15.15
O4 FAD F . -7.44 17.22 -15.54
C4X FAD F . -6.31 15.45 -14.57
N5 FAD F . -7.44 14.70 -14.24
C5X FAD F . -7.28 13.36 -14.11
C6 FAD F . -8.41 12.57 -14.11
C7 FAD F . -8.33 11.21 -14.21
C7M FAD F . -9.62 10.43 -14.24
C8 FAD F . -7.06 10.59 -14.30
C8M FAD F . -6.85 9.09 -14.44
C9 FAD F . -5.92 11.40 -14.25
C9A FAD F . -6.02 12.80 -14.13
N10 FAD F . -4.94 13.66 -13.91
C10 FAD F . -5.03 14.93 -14.31
C1' FAD F . -3.63 13.10 -13.71
C2' FAD F . -2.77 12.94 -14.97
O2' FAD F . -3.48 12.19 -15.93
C3' FAD F . -1.49 12.15 -14.61
O3' FAD F . -0.78 12.83 -13.55
C4' FAD F . -0.41 11.96 -15.69
O4' FAD F . -1.08 11.55 -16.90
C5' FAD F . 0.57 10.85 -15.29
O5' FAD F . 1.58 10.72 -16.35
P FAD F . 2.72 9.63 -16.11
O1P FAD F . 3.48 9.54 -17.42
O2P FAD F . 3.46 9.84 -14.86
O3P FAD F . 1.99 8.21 -15.85
N1 A1ISO G . -6.90 16.50 -11.72
C1 A1ISO G . -12.46 20.85 -7.35
C2 A1ISO G . -11.38 20.46 -8.33
C3 A1ISO G . -11.28 19.01 -8.62
C4 A1ISO G . -10.19 18.66 -9.61
C5 A1ISO G . -10.27 17.27 -10.12
C6 A1ISO G . -9.24 16.91 -11.14
C7 A1ISO G . -7.84 16.76 -10.60
#